data_8ZQC
#
_entry.id   8ZQC
#
_cell.length_a   1.00
_cell.length_b   1.00
_cell.length_c   1.00
_cell.angle_alpha   90.00
_cell.angle_beta   90.00
_cell.angle_gamma   90.00
#
_symmetry.space_group_name_H-M   'P 1'
#
loop_
_entity.id
_entity.type
_entity.pdbx_description
1 polymer Cas12X2
2 polymer CrRNA
3 polymer TS
4 polymer NTS
#
loop_
_entity_poly.entity_id
_entity_poly.type
_entity_poly.pdbx_seq_one_letter_code
_entity_poly.pdbx_strand_id
1 'polypeptide(L)'
;HHHHHHMKKWLRSYDFSLEVSEEDTLHLLECVKEYNELSKAYMDYMFKLKEDHKDDLDVCNLIERLQNGSGKELRALASC
IFGGRKTSEDVFLRVKSYKKALVLIDSGEVKTYEDLSKSLGEKTGLRGTNSLFKEPKKEGKRKDRTGPLKEDQAKKINKM
LAADLGIVSALNLCQKGLLPIPEFAKNVEKLNKNVLYGIISQAGSRMKSFLKCDDLTQQNHLNLKEILKSYRLEYNLDEF
QEQEASYQQWLSRMKSLNSFALTHRFLQGWAKRWRKQFLAGKDPSWTLGEEATKICKEYQHLFVDNDFIYLFGKEDLLKL
KVEERKQNAQFTLPDVIKSPIYPQLGNNGQGFGIEQVDNDIYLIIQSCFIDRPNIRAKIVPHKKTSVWSLEQENTKQTKK
KNAQIDKNKIPYKLFLRRAADRYEKQIEISECRLQHRFCSGKANFHVVFSLKGEANDTLTKASTLFLTATQKPVSEWSKD
NLPKQMRVAFVDIGLNPPLSMSIYDYNQEDNSGENLVYAGADQQVPFGSANFVREDQIGNVYNQNLKRRIEELNDKIFYA
SSCVSFYKNISSLEGATVELVGGRKVMCRQFDEEKVKDLYSVPVKALRELGLDHFFGLPEDLDQQNVEAATFYIENHIHH
NKLTRKSFLSFRCKLWDYIHEKILPEFSVIRNGRHFQFNKQFCSEAYSWMFLIHSMIRLKKSLSYSHSEPLKKGEPATFV
FKNLQNYFNNFSKNVLKTVAAKLRDYCTTHNVSLCVVEDLEKFRTSSLNSKDKNRLLSIWSHRNVVQRFEEVLTEVGITI
VSNDARHSSQLDPVTMDWAYRDEQDKSKLWVKRDGEIFHINADISSTQVQAKRFFSRYADIVYMKTLLKKDDNGSLRKLV
VSDNSTRIQSYLLRTINSKYAILEQDKLVPINQQEYNQIVGLKTSGVEEIYRHGESWVNLITHKTLQKEIGARTNVQ
;
A
2 'polyribonucleotide' GUGCUACAAGCGAAAAAGAUCGCUUGUGAUUUGCACUCCCCUACGUGCUGCUGAAG B
3 'polydeoxyribonucleotide'
;(DC)(DT)(DG)(DC)(DC)(DC)(DT)(DT)(DG)(DC)(DA)(DA)(DA)(DG)(DT)(DC)(DA)(DG)(DC)(DA)
(DG)(DC)(DA)(DC)(DG)(DT)(DA)(DG)(DG)(DG)(DG)(DA)(DG)(DA)(DA)(DT)(DT)(DG)(DG)(DC)
(DC)(DA)
;
C
4 'polydeoxyribonucleotide'
;(DT)(DG)(DG)(DC)(DC)(DA)(DA)(DT)(DT)(DC)(DT)(DC)(DC)(DC)(DC)(DT)(DA)(DC)(DG)(DT)
(DG)(DC)(DT)(DG)(DC)(DT)(DG)(DA)(DC)(DT)(DT)(DT)(DG)(DC)(DA)(DA)(DG)(DG)(DG)(DC)
(DA)(DG)
;
D
#
loop_
_chem_comp.id
_chem_comp.type
_chem_comp.name
_chem_comp.formula
A RNA linking ADENOSINE-5'-MONOPHOSPHATE 'C10 H14 N5 O7 P'
C RNA linking CYTIDINE-5'-MONOPHOSPHATE 'C9 H14 N3 O8 P'
DA DNA linking 2'-DEOXYADENOSINE-5'-MONOPHOSPHATE 'C10 H14 N5 O6 P'
DC DNA linking 2'-DEOXYCYTIDINE-5'-MONOPHOSPHATE 'C9 H14 N3 O7 P'
DG DNA linking 2'-DEOXYGUANOSINE-5'-MONOPHOSPHATE 'C10 H14 N5 O7 P'
DT DNA linking THYMIDINE-5'-MONOPHOSPHATE 'C10 H15 N2 O8 P'
G RNA linking GUANOSINE-5'-MONOPHOSPHATE 'C10 H14 N5 O8 P'
U RNA linking URIDINE-5'-MONOPHOSPHATE 'C9 H13 N2 O9 P'
#
# COMPACT_ATOMS: atom_id res chain seq x y z
N LYS A 9 16.06 -13.22 -7.92
CA LYS A 9 14.61 -13.20 -8.03
C LYS A 9 13.98 -12.64 -6.75
N TRP A 10 14.52 -13.02 -5.59
CA TRP A 10 14.10 -12.41 -4.33
C TRP A 10 15.31 -12.09 -3.47
N LEU A 11 15.37 -10.85 -2.96
CA LEU A 11 16.49 -10.37 -2.17
C LEU A 11 16.01 -9.95 -0.78
N ARG A 12 16.65 -10.50 0.25
CA ARG A 12 16.32 -10.22 1.64
C ARG A 12 17.49 -9.49 2.29
N SER A 13 17.18 -8.45 3.05
CA SER A 13 18.19 -7.53 3.57
C SER A 13 18.55 -7.85 5.02
N TYR A 14 19.80 -7.54 5.38
CA TYR A 14 20.29 -7.67 6.75
C TYR A 14 21.24 -6.53 7.04
N ASP A 15 21.09 -5.92 8.22
CA ASP A 15 21.84 -4.74 8.61
C ASP A 15 22.78 -5.08 9.75
N PHE A 16 24.04 -4.72 9.61
CA PHE A 16 25.07 -5.03 10.61
C PHE A 16 25.77 -3.73 10.99
N SER A 17 25.79 -3.43 12.28
CA SER A 17 26.51 -2.25 12.71
C SER A 17 28.00 -2.45 12.53
N LEU A 18 28.73 -1.34 12.48
CA LEU A 18 30.17 -1.37 12.39
C LEU A 18 30.77 -0.61 13.55
N GLU A 19 31.95 -1.02 13.98
CA GLU A 19 32.71 -0.28 14.98
C GLU A 19 34.02 0.18 14.35
N VAL A 20 34.21 1.50 14.28
CA VAL A 20 35.39 2.10 13.70
C VAL A 20 35.95 3.13 14.68
N SER A 21 37.21 3.48 14.47
CA SER A 21 37.83 4.50 15.29
C SER A 21 37.40 5.90 14.84
N GLU A 22 37.76 6.90 15.63
CA GLU A 22 37.35 8.27 15.34
C GLU A 22 37.96 8.77 14.04
N GLU A 23 39.23 8.47 13.80
CA GLU A 23 39.85 8.84 12.53
C GLU A 23 39.13 8.16 11.37
N ASP A 24 38.80 6.88 11.55
CA ASP A 24 38.04 6.16 10.53
C ASP A 24 36.67 6.79 10.31
N THR A 25 35.98 7.16 11.39
CA THR A 25 34.66 7.72 11.21
C THR A 25 34.70 9.08 10.52
N LEU A 26 35.74 9.87 10.79
CA LEU A 26 35.89 11.13 10.07
C LEU A 26 36.15 10.88 8.59
N HIS A 27 36.99 9.88 8.29
CA HIS A 27 37.26 9.53 6.90
C HIS A 27 35.99 9.14 6.17
N LEU A 28 35.14 8.36 6.82
CA LEU A 28 33.90 7.93 6.19
C LEU A 28 32.90 9.09 6.06
N LEU A 29 32.88 10.00 7.02
CA LEU A 29 32.02 11.18 6.88
C LEU A 29 32.44 12.02 5.68
N GLU A 30 33.76 12.18 5.49
CA GLU A 30 34.24 12.90 4.31
C GLU A 30 33.83 12.18 3.03
N CYS A 31 33.95 10.86 3.00
CA CYS A 31 33.56 10.10 1.81
C CYS A 31 32.07 10.28 1.51
N VAL A 32 31.23 10.22 2.53
CA VAL A 32 29.79 10.31 2.31
C VAL A 32 29.40 11.72 1.87
N LYS A 33 30.02 12.74 2.46
CA LYS A 33 29.76 14.10 2.02
C LYS A 33 30.16 14.29 0.56
N GLU A 34 31.31 13.71 0.16
CA GLU A 34 31.72 13.81 -1.24
C GLU A 34 30.71 13.12 -2.15
N TYR A 35 30.24 11.93 -1.77
CA TYR A 35 29.21 11.26 -2.56
C TYR A 35 27.99 12.16 -2.75
N ASN A 36 27.49 12.74 -1.66
CA ASN A 36 26.30 13.56 -1.76
C ASN A 36 26.53 14.78 -2.64
N GLU A 37 27.67 15.45 -2.47
CA GLU A 37 27.97 16.63 -3.27
C GLU A 37 28.04 16.28 -4.75
N LEU A 38 28.74 15.19 -5.09
CA LEU A 38 28.90 14.82 -6.48
C LEU A 38 27.56 14.40 -7.10
N SER A 39 26.74 13.66 -6.35
CA SER A 39 25.44 13.23 -6.87
C SER A 39 24.53 14.43 -7.12
N LYS A 40 24.50 15.37 -6.17
CA LYS A 40 23.69 16.58 -6.37
C LYS A 40 24.18 17.35 -7.58
N ALA A 41 25.51 17.46 -7.74
CA ALA A 41 26.05 18.19 -8.88
C ALA A 41 25.63 17.54 -10.18
N TYR A 42 25.72 16.22 -10.25
CA TYR A 42 25.34 15.52 -11.48
C TYR A 42 23.88 15.77 -11.83
N MET A 43 22.98 15.57 -10.85
CA MET A 43 21.57 15.73 -11.16
C MET A 43 21.23 17.18 -11.50
N ASP A 44 21.84 18.14 -10.82
CA ASP A 44 21.57 19.53 -11.10
C ASP A 44 22.05 19.92 -12.49
N TYR A 45 23.23 19.46 -12.89
CA TYR A 45 23.71 19.75 -14.24
C TYR A 45 22.78 19.14 -15.28
N MET A 46 22.31 17.92 -15.03
CA MET A 46 21.39 17.31 -15.99
C MET A 46 20.09 18.10 -16.09
N PHE A 47 19.57 18.58 -14.96
CA PHE A 47 18.36 19.42 -15.01
C PHE A 47 18.63 20.71 -15.78
N LYS A 48 19.77 21.34 -15.56
CA LYS A 48 20.08 22.56 -16.29
C LYS A 48 20.14 22.30 -17.79
N LEU A 49 20.73 21.17 -18.18
CA LEU A 49 20.77 20.81 -19.60
C LEU A 49 19.36 20.55 -20.13
N LYS A 50 18.52 19.92 -19.32
CA LYS A 50 17.15 19.64 -19.74
C LYS A 50 16.38 20.92 -20.00
N GLU A 51 16.45 21.86 -19.07
CA GLU A 51 15.67 23.08 -19.17
C GLU A 51 16.23 24.00 -20.26
N ASP A 52 17.50 24.38 -20.13
CA ASP A 52 18.06 25.39 -21.02
C ASP A 52 18.07 24.93 -22.47
N HIS A 53 18.39 23.66 -22.71
CA HIS A 53 18.55 23.14 -24.06
C HIS A 53 17.46 22.13 -24.37
N LYS A 54 16.75 22.36 -25.48
CA LYS A 54 15.80 21.39 -26.00
C LYS A 54 15.93 21.28 -27.52
N ASP A 55 17.08 21.64 -28.07
CA ASP A 55 17.30 21.67 -29.51
C ASP A 55 18.53 20.84 -29.86
N ASP A 56 18.90 20.87 -31.14
CA ASP A 56 20.00 20.14 -31.76
C ASP A 56 19.76 18.64 -31.83
N LEU A 57 18.65 18.14 -31.28
CA LEU A 57 18.28 16.73 -31.34
C LEU A 57 19.34 15.82 -30.78
N ASP A 58 20.20 16.35 -29.90
CA ASP A 58 21.28 15.57 -29.32
C ASP A 58 21.18 15.48 -27.80
N VAL A 59 20.96 16.61 -27.13
CA VAL A 59 20.75 16.58 -25.69
C VAL A 59 19.47 15.82 -25.36
N CYS A 60 18.43 16.01 -26.19
CA CYS A 60 17.19 15.28 -25.98
C CYS A 60 17.41 13.78 -26.09
N ASN A 61 18.28 13.36 -27.02
CA ASN A 61 18.57 11.94 -27.14
C ASN A 61 19.25 11.40 -25.89
N LEU A 62 20.19 12.16 -25.33
CA LEU A 62 20.87 11.71 -24.12
C LEU A 62 19.90 11.63 -22.95
N ILE A 63 19.01 12.60 -22.83
CA ILE A 63 18.00 12.56 -21.77
C ILE A 63 17.07 11.38 -21.97
N GLU A 64 16.72 11.09 -23.22
CA GLU A 64 15.88 9.92 -23.49
C GLU A 64 16.59 8.64 -23.09
N ARG A 65 17.88 8.53 -23.38
CA ARG A 65 18.63 7.33 -23.04
C ARG A 65 18.78 7.19 -21.53
N LEU A 66 18.97 8.30 -20.83
CA LEU A 66 19.01 8.25 -19.37
C LEU A 66 17.64 7.90 -18.79
N GLN A 67 16.56 8.31 -19.44
CA GLN A 67 15.22 8.04 -18.96
C GLN A 67 14.83 6.58 -19.20
N ASN A 68 15.17 6.04 -20.36
CA ASN A 68 14.69 4.75 -20.80
C ASN A 68 15.83 3.78 -21.06
N GLY A 69 16.83 3.78 -20.18
CA GLY A 69 17.96 2.88 -20.28
C GLY A 69 18.17 2.11 -18.99
N SER A 70 19.11 1.17 -19.06
CA SER A 70 19.49 0.36 -17.91
C SER A 70 20.78 0.90 -17.31
N GLY A 71 21.14 0.36 -16.15
CA GLY A 71 22.37 0.76 -15.51
C GLY A 71 23.59 0.52 -16.37
N LYS A 72 23.50 -0.46 -17.28
CA LYS A 72 24.61 -0.74 -18.18
C LYS A 72 24.93 0.46 -19.06
N GLU A 73 23.90 1.12 -19.58
CA GLU A 73 24.15 2.35 -20.33
C GLU A 73 24.67 3.48 -19.46
N LEU A 74 24.25 3.56 -18.20
CA LEU A 74 24.82 4.56 -17.32
C LEU A 74 26.32 4.35 -17.17
N ARG A 75 26.75 3.09 -17.00
CA ARG A 75 28.17 2.81 -16.92
C ARG A 75 28.86 3.11 -18.23
N ALA A 76 28.20 2.85 -19.36
CA ALA A 76 28.79 3.14 -20.66
C ALA A 76 29.03 4.64 -20.85
N LEU A 77 28.06 5.46 -20.44
CA LEU A 77 28.19 6.90 -20.62
C LEU A 77 29.03 7.57 -19.53
N ALA A 78 29.30 6.85 -18.44
CA ALA A 78 30.08 7.44 -17.36
C ALA A 78 31.44 7.92 -17.83
N SER A 79 32.06 7.18 -18.75
CA SER A 79 33.38 7.55 -19.25
C SER A 79 33.35 8.86 -20.04
N CYS A 80 32.18 9.31 -20.46
CA CYS A 80 32.01 10.60 -21.11
C CYS A 80 31.56 11.69 -20.15
N ILE A 81 30.72 11.33 -19.18
CA ILE A 81 30.23 12.32 -18.22
C ILE A 81 31.39 12.96 -17.48
N PHE A 82 32.36 12.15 -17.07
CA PHE A 82 33.63 12.60 -16.54
C PHE A 82 34.73 12.31 -17.57
N GLY A 83 35.74 13.16 -17.59
CA GLY A 83 36.92 12.87 -18.38
C GLY A 83 36.58 12.62 -19.83
N GLY A 84 37.05 11.49 -20.35
CA GLY A 84 36.83 11.16 -21.74
C GLY A 84 37.03 9.69 -22.01
N ARG A 85 36.87 9.32 -23.27
CA ARG A 85 37.01 7.95 -23.74
C ARG A 85 38.34 7.82 -24.46
N LYS A 86 39.15 6.84 -24.05
CA LYS A 86 40.43 6.62 -24.70
C LYS A 86 40.23 6.23 -26.16
N THR A 87 39.31 5.31 -26.43
CA THR A 87 39.00 4.87 -27.79
C THR A 87 37.55 5.19 -28.09
N SER A 88 37.33 5.87 -29.21
CA SER A 88 35.98 6.24 -29.65
C SER A 88 35.74 5.77 -31.08
N GLU A 89 36.35 4.65 -31.46
CA GLU A 89 36.24 4.14 -32.81
C GLU A 89 35.24 2.98 -32.91
N ASP A 90 35.36 1.99 -32.02
CA ASP A 90 34.57 0.77 -32.15
C ASP A 90 33.08 1.02 -32.14
N VAL A 91 32.63 2.09 -31.49
CA VAL A 91 31.19 2.35 -31.41
C VAL A 91 30.63 2.76 -32.76
N PHE A 92 31.39 3.55 -33.52
CA PHE A 92 30.94 3.93 -34.86
C PHE A 92 30.82 2.71 -35.77
N LEU A 93 31.83 1.82 -35.73
CA LEU A 93 31.71 0.58 -36.50
C LEU A 93 30.55 -0.27 -36.02
N ARG A 94 30.31 -0.31 -34.71
CA ARG A 94 29.20 -1.11 -34.21
C ARG A 94 27.86 -0.59 -34.71
N VAL A 95 27.66 0.72 -34.69
CA VAL A 95 26.39 1.27 -35.15
C VAL A 95 26.26 1.08 -36.65
N LYS A 96 27.34 1.25 -37.41
CA LYS A 96 27.26 1.02 -38.85
C LYS A 96 26.91 -0.42 -39.17
N SER A 97 27.59 -1.36 -38.50
CA SER A 97 27.35 -2.78 -38.76
C SER A 97 25.94 -3.17 -38.34
N TYR A 98 25.44 -2.65 -37.23
CA TYR A 98 24.11 -3.02 -36.78
C TYR A 98 23.04 -2.37 -37.65
N LYS A 99 23.28 -1.15 -38.14
CA LYS A 99 22.37 -0.56 -39.09
C LYS A 99 22.31 -1.38 -40.38
N LYS A 100 23.46 -1.85 -40.86
CA LYS A 100 23.45 -2.68 -42.06
C LYS A 100 22.79 -4.03 -41.81
N ALA A 101 22.96 -4.57 -40.60
CA ALA A 101 22.27 -5.81 -40.25
C ALA A 101 20.77 -5.62 -40.21
N LEU A 102 20.31 -4.48 -39.69
CA LEU A 102 18.88 -4.18 -39.67
C LEU A 102 18.34 -3.96 -41.08
N VAL A 103 19.12 -3.31 -41.94
CA VAL A 103 18.74 -3.19 -43.34
C VAL A 103 18.67 -4.57 -43.98
N LEU A 104 19.64 -5.41 -43.62
CA LEU A 104 19.57 -6.78 -44.08
C LEU A 104 18.55 -7.47 -43.20
N ILE A 105 18.35 -8.76 -43.40
CA ILE A 105 17.37 -9.53 -42.64
C ILE A 105 15.96 -9.02 -42.94
N ASP A 106 15.77 -7.69 -42.83
CA ASP A 106 14.53 -7.10 -43.28
C ASP A 106 14.31 -7.32 -44.77
N SER A 107 15.39 -7.52 -45.53
CA SER A 107 15.25 -7.94 -46.92
C SER A 107 14.60 -9.31 -47.02
N GLY A 108 14.91 -10.21 -46.10
CA GLY A 108 14.30 -11.53 -46.06
C GLY A 108 14.92 -12.56 -46.97
N GLU A 109 16.02 -12.24 -47.66
CA GLU A 109 16.66 -13.20 -48.54
C GLU A 109 17.40 -14.30 -47.78
N VAL A 110 17.63 -14.12 -46.49
CA VAL A 110 18.36 -15.09 -45.68
C VAL A 110 17.46 -15.52 -44.52
N LYS A 111 17.66 -16.74 -44.04
CA LYS A 111 16.87 -17.30 -42.96
C LYS A 111 17.74 -18.12 -42.02
N THR A 112 19.01 -17.76 -41.89
CA THR A 112 19.94 -18.53 -41.08
C THR A 112 20.89 -17.60 -40.34
N TYR A 113 21.50 -18.13 -39.29
CA TYR A 113 22.54 -17.40 -38.57
C TYR A 113 23.82 -17.30 -39.39
N GLU A 114 24.20 -18.39 -40.07
CA GLU A 114 25.48 -18.41 -40.77
C GLU A 114 25.55 -17.34 -41.84
N ASP A 115 24.46 -17.17 -42.61
CA ASP A 115 24.45 -16.14 -43.64
C ASP A 115 24.66 -14.76 -43.04
N LEU A 116 24.01 -14.48 -41.90
CA LEU A 116 24.19 -13.19 -41.24
C LEU A 116 25.63 -13.01 -40.76
N SER A 117 26.21 -14.07 -40.20
CA SER A 117 27.58 -13.97 -39.70
C SER A 117 28.55 -13.65 -40.83
N LYS A 118 28.38 -14.30 -41.99
CA LYS A 118 29.19 -13.88 -43.15
C LYS A 118 28.83 -12.49 -43.63
N SER A 119 27.56 -12.09 -43.52
CA SER A 119 27.14 -10.79 -44.03
C SER A 119 27.87 -9.67 -43.28
N LEU A 120 27.91 -9.75 -41.96
CA LEU A 120 28.69 -8.77 -41.20
C LEU A 120 30.17 -8.84 -41.54
N GLY A 121 30.72 -10.05 -41.62
CA GLY A 121 32.11 -10.21 -41.97
C GLY A 121 33.05 -10.08 -40.79
N GLU A 122 33.88 -9.04 -40.81
CA GLU A 122 34.93 -8.88 -39.82
C GLU A 122 35.15 -7.40 -39.56
N LYS A 123 35.82 -7.11 -38.44
CA LYS A 123 36.05 -5.74 -37.99
C LYS A 123 34.73 -4.99 -37.86
N THR A 124 33.70 -5.69 -37.37
CA THR A 124 32.37 -5.11 -37.20
C THR A 124 32.12 -4.69 -35.76
N GLY A 125 33.16 -4.19 -35.09
CA GLY A 125 33.05 -4.00 -33.66
C GLY A 125 32.74 -5.33 -33.02
N LEU A 126 31.86 -5.32 -32.02
CA LEU A 126 31.26 -6.55 -31.50
C LEU A 126 32.34 -7.52 -31.02
N ARG A 127 33.02 -7.13 -29.94
CA ARG A 127 34.22 -7.87 -29.53
C ARG A 127 33.86 -9.20 -28.88
N GLY A 128 33.09 -10.01 -29.59
CA GLY A 128 32.64 -11.28 -29.03
C GLY A 128 31.72 -11.08 -27.85
N THR A 129 31.19 -12.18 -27.33
CA THR A 129 30.32 -12.17 -26.15
C THR A 129 29.17 -11.19 -26.33
N ASN A 130 28.36 -11.41 -27.37
CA ASN A 130 27.13 -10.67 -27.54
C ASN A 130 26.08 -11.61 -28.13
N SER A 131 24.81 -11.25 -27.93
CA SER A 131 23.71 -12.16 -28.23
C SER A 131 23.64 -12.49 -29.72
N LEU A 132 23.83 -11.50 -30.59
CA LEU A 132 23.59 -11.71 -32.01
C LEU A 132 24.63 -12.64 -32.63
N PHE A 133 25.75 -12.87 -31.94
CA PHE A 133 26.78 -13.79 -32.41
C PHE A 133 26.95 -14.92 -31.40
N LYS A 134 26.56 -16.13 -31.81
CA LYS A 134 26.91 -17.38 -31.12
C LYS A 134 26.15 -17.55 -29.80
N GLU A 135 25.39 -16.52 -29.39
CA GLU A 135 24.59 -16.48 -28.16
C GLU A 135 25.24 -17.28 -27.03
N PRO A 136 26.44 -16.91 -26.60
CA PRO A 136 27.15 -17.74 -25.61
C PRO A 136 26.46 -17.81 -24.25
N LYS A 137 25.54 -16.89 -23.96
CA LYS A 137 24.87 -16.84 -22.66
C LYS A 137 25.88 -16.73 -21.55
N LYS A 138 26.13 -17.82 -20.85
CA LYS A 138 27.17 -17.89 -19.83
C LYS A 138 28.14 -19.04 -20.06
N GLU A 139 27.65 -20.20 -20.54
CA GLU A 139 28.52 -21.33 -20.80
C GLU A 139 29.30 -21.17 -22.10
N GLY A 140 28.69 -20.54 -23.10
CA GLY A 140 29.24 -20.48 -24.44
C GLY A 140 28.74 -21.61 -25.31
N LYS A 141 28.56 -22.80 -24.72
CA LYS A 141 28.01 -23.98 -25.38
C LYS A 141 28.81 -24.37 -26.64
N ARG A 142 30.14 -24.19 -26.58
CA ARG A 142 31.03 -24.53 -27.68
C ARG A 142 30.59 -23.88 -28.99
N LYS A 143 30.31 -22.57 -28.92
CA LYS A 143 29.93 -21.76 -30.08
C LYS A 143 28.67 -22.30 -30.75
N ASP A 144 27.72 -22.78 -29.95
CA ASP A 144 26.47 -23.29 -30.48
C ASP A 144 25.60 -22.15 -31.00
N ARG A 145 24.81 -22.45 -32.03
CA ARG A 145 23.88 -21.49 -32.61
C ARG A 145 22.55 -22.17 -32.86
N THR A 146 21.48 -21.39 -32.75
CA THR A 146 20.13 -21.94 -32.91
C THR A 146 19.84 -22.33 -34.35
N GLY A 147 20.38 -21.58 -35.31
CA GLY A 147 20.11 -21.83 -36.71
C GLY A 147 19.32 -20.70 -37.34
N PRO A 148 18.05 -20.94 -37.63
CA PRO A 148 17.22 -19.88 -38.23
C PRO A 148 16.99 -18.73 -37.28
N LEU A 149 16.76 -17.55 -37.85
CA LEU A 149 16.45 -16.37 -37.07
C LEU A 149 15.11 -16.54 -36.36
N LYS A 150 15.02 -15.99 -35.16
CA LYS A 150 13.77 -15.89 -34.42
C LYS A 150 13.24 -14.47 -34.55
N GLU A 151 12.17 -14.18 -33.82
CA GLU A 151 11.60 -12.84 -33.81
C GLU A 151 12.29 -11.92 -32.81
N ASP A 152 12.72 -12.47 -31.68
CA ASP A 152 13.25 -11.64 -30.60
C ASP A 152 14.57 -10.98 -31.00
N GLN A 153 15.38 -11.65 -31.83
CA GLN A 153 16.62 -11.04 -32.31
C GLN A 153 16.32 -9.79 -33.14
N ALA A 154 15.41 -9.93 -34.10
CA ALA A 154 15.01 -8.79 -34.92
C ALA A 154 14.33 -7.72 -34.10
N LYS A 155 13.71 -8.09 -32.97
CA LYS A 155 13.12 -7.07 -32.10
C LYS A 155 14.18 -6.30 -31.33
N LYS A 156 15.17 -7.01 -30.77
CA LYS A 156 16.09 -6.40 -29.82
C LYS A 156 17.31 -5.77 -30.49
N ILE A 157 17.57 -6.08 -31.76
CA ILE A 157 18.61 -5.34 -32.47
C ILE A 157 18.28 -3.85 -32.42
N ASN A 158 17.00 -3.52 -32.36
CA ASN A 158 16.57 -2.12 -32.31
C ASN A 158 17.02 -1.45 -31.02
N LYS A 159 16.79 -2.08 -29.87
CA LYS A 159 17.22 -1.46 -28.61
C LYS A 159 18.73 -1.45 -28.49
N MET A 160 19.40 -2.45 -29.08
CA MET A 160 20.86 -2.44 -29.10
C MET A 160 21.38 -1.22 -29.88
N LEU A 161 20.82 -0.99 -31.06
CA LEU A 161 21.15 0.21 -31.82
C LEU A 161 20.77 1.49 -31.09
N ALA A 162 19.66 1.47 -30.34
CA ALA A 162 19.30 2.65 -29.56
C ALA A 162 20.36 2.98 -28.54
N ALA A 163 20.88 1.95 -27.87
CA ALA A 163 21.96 2.16 -26.91
C ALA A 163 23.22 2.70 -27.60
N ASP A 164 23.61 2.07 -28.71
CA ASP A 164 24.83 2.51 -29.40
C ASP A 164 24.69 3.94 -29.88
N LEU A 165 23.53 4.29 -30.43
CA LEU A 165 23.31 5.66 -30.89
C LEU A 165 23.27 6.64 -29.73
N GLY A 166 22.78 6.22 -28.56
CA GLY A 166 22.85 7.09 -27.40
C GLY A 166 24.29 7.38 -26.99
N ILE A 167 25.14 6.35 -27.03
CA ILE A 167 26.55 6.55 -26.74
C ILE A 167 27.17 7.48 -27.78
N VAL A 168 26.79 7.32 -29.05
CA VAL A 168 27.28 8.22 -30.09
C VAL A 168 26.83 9.64 -29.83
N SER A 169 25.58 9.83 -29.39
CA SER A 169 25.09 11.16 -29.09
C SER A 169 25.85 11.79 -27.93
N ALA A 170 26.18 10.99 -26.92
CA ALA A 170 27.02 11.51 -25.84
C ALA A 170 28.40 11.89 -26.35
N LEU A 171 28.95 11.09 -27.26
CA LEU A 171 30.23 11.44 -27.86
C LEU A 171 30.15 12.78 -28.58
N ASN A 172 29.07 13.00 -29.32
CA ASN A 172 28.90 14.26 -30.03
C ASN A 172 28.74 15.42 -29.07
N LEU A 173 28.01 15.21 -27.96
CA LEU A 173 27.89 16.26 -26.95
C LEU A 173 29.25 16.60 -26.37
N CYS A 174 30.06 15.59 -26.06
CA CYS A 174 31.40 15.84 -25.52
C CYS A 174 32.25 16.60 -26.54
N GLN A 175 32.18 16.20 -27.81
CA GLN A 175 33.00 16.84 -28.83
C GLN A 175 32.55 18.28 -29.07
N LYS A 176 31.26 18.57 -28.86
CA LYS A 176 30.79 19.94 -29.01
C LYS A 176 31.35 20.85 -27.92
N GLY A 177 31.50 20.33 -26.71
CA GLY A 177 32.00 21.13 -25.61
C GLY A 177 30.95 21.42 -24.57
N LEU A 178 30.08 20.45 -24.31
CA LEU A 178 28.99 20.61 -23.36
C LEU A 178 28.84 19.46 -22.38
N LEU A 179 29.39 18.28 -22.66
CA LEU A 179 29.14 17.12 -21.81
C LEU A 179 29.99 17.05 -20.56
N PRO A 180 31.33 17.20 -20.62
CA PRO A 180 32.12 17.04 -19.41
C PRO A 180 31.70 18.00 -18.32
N ILE A 181 31.11 17.48 -17.25
CA ILE A 181 30.65 18.32 -16.15
C ILE A 181 31.88 18.98 -15.53
N PRO A 182 31.93 20.31 -15.47
CA PRO A 182 33.13 20.96 -14.92
C PRO A 182 33.44 20.53 -13.50
N GLU A 183 32.43 20.23 -12.70
CA GLU A 183 32.69 19.81 -11.32
C GLU A 183 33.30 18.41 -11.30
N PHE A 184 32.80 17.51 -12.14
CA PHE A 184 33.37 16.16 -12.19
C PHE A 184 34.81 16.18 -12.69
N ALA A 185 35.09 16.96 -13.73
CA ALA A 185 36.47 17.04 -14.23
C ALA A 185 37.39 17.78 -13.27
N LYS A 186 36.84 18.73 -12.49
CA LYS A 186 37.63 19.37 -11.46
C LYS A 186 38.03 18.35 -10.39
N ASN A 187 37.06 17.53 -9.96
CA ASN A 187 37.31 16.57 -8.88
C ASN A 187 38.03 15.31 -9.34
N VAL A 188 38.11 15.04 -10.64
CA VAL A 188 38.59 13.74 -11.09
C VAL A 188 40.06 13.53 -10.73
N GLU A 189 40.84 14.60 -10.61
CA GLU A 189 42.25 14.43 -10.27
C GLU A 189 42.43 13.86 -8.88
N LYS A 190 41.64 14.32 -7.91
CA LYS A 190 41.83 13.96 -6.51
C LYS A 190 40.95 12.82 -6.04
N LEU A 191 40.15 12.21 -6.92
CA LEU A 191 39.27 11.11 -6.52
C LEU A 191 39.45 9.92 -7.45
N ASN A 192 39.28 8.73 -6.89
CA ASN A 192 39.41 7.50 -7.66
C ASN A 192 38.26 7.38 -8.65
N LYS A 193 38.50 6.66 -9.75
CA LYS A 193 37.51 6.58 -10.81
C LYS A 193 36.37 5.63 -10.47
N ASN A 194 36.65 4.58 -9.69
CA ASN A 194 35.59 3.70 -9.23
C ASN A 194 34.50 4.47 -8.52
N VAL A 195 34.89 5.43 -7.68
CA VAL A 195 33.92 6.26 -6.98
C VAL A 195 33.09 7.05 -7.97
N LEU A 196 33.72 7.55 -9.03
CA LEU A 196 32.98 8.33 -10.02
C LEU A 196 31.93 7.47 -10.72
N TYR A 197 32.31 6.23 -11.08
CA TYR A 197 31.33 5.33 -11.69
C TYR A 197 30.18 5.05 -10.74
N GLY A 198 30.47 4.81 -9.46
CA GLY A 198 29.40 4.53 -8.52
C GLY A 198 28.47 5.69 -8.34
N ILE A 199 29.02 6.91 -8.21
CA ILE A 199 28.19 8.09 -8.06
C ILE A 199 27.31 8.28 -9.28
N ILE A 200 27.89 8.08 -10.47
CA ILE A 200 27.13 8.23 -11.69
C ILE A 200 25.98 7.24 -11.73
N SER A 201 26.24 5.99 -11.37
CA SER A 201 25.18 4.98 -11.37
C SER A 201 24.03 5.37 -10.44
N GLN A 202 24.36 5.72 -9.19
CA GLN A 202 23.29 5.99 -8.23
C GLN A 202 22.52 7.26 -8.58
N ALA A 203 23.23 8.33 -8.92
CA ALA A 203 22.56 9.57 -9.29
C ALA A 203 21.71 9.39 -10.54
N GLY A 204 22.19 8.58 -11.49
CA GLY A 204 21.41 8.32 -12.68
C GLY A 204 20.15 7.53 -12.38
N SER A 205 20.23 6.59 -11.44
CA SER A 205 19.03 5.88 -11.04
C SER A 205 18.00 6.82 -10.44
N ARG A 206 18.45 7.71 -9.54
CA ARG A 206 17.53 8.66 -8.93
C ARG A 206 16.92 9.59 -9.98
N MET A 207 17.74 10.09 -10.90
CA MET A 207 17.23 11.00 -11.93
C MET A 207 16.29 10.28 -12.88
N LYS A 208 16.55 9.02 -13.20
CA LYS A 208 15.65 8.27 -14.06
C LYS A 208 14.30 8.09 -13.40
N SER A 209 14.30 7.78 -12.11
CA SER A 209 13.04 7.69 -11.37
C SER A 209 12.29 9.02 -11.42
N PHE A 210 12.99 10.13 -11.17
CA PHE A 210 12.33 11.43 -11.17
C PHE A 210 11.78 11.77 -12.55
N LEU A 211 12.53 11.50 -13.60
CA LEU A 211 12.09 11.83 -14.94
C LEU A 211 10.86 11.02 -15.32
N LYS A 212 10.83 9.73 -15.00
CA LYS A 212 9.63 8.95 -15.25
C LYS A 212 8.44 9.50 -14.47
N CYS A 213 8.66 9.90 -13.21
CA CYS A 213 7.57 10.47 -12.43
C CYS A 213 7.04 11.75 -13.05
N ASP A 214 7.94 12.61 -13.52
CA ASP A 214 7.52 13.88 -14.14
C ASP A 214 6.73 13.61 -15.41
N ASP A 215 7.20 12.64 -16.22
CA ASP A 215 6.47 12.28 -17.42
C ASP A 215 5.05 11.80 -17.09
N LEU A 216 4.94 10.95 -16.07
CA LEU A 216 3.63 10.45 -15.67
C LEU A 216 2.73 11.58 -15.19
N THR A 217 3.27 12.52 -14.42
CA THR A 217 2.46 13.62 -13.92
C THR A 217 1.96 14.52 -15.05
N GLN A 218 2.84 14.83 -16.02
CA GLN A 218 2.41 15.63 -17.16
C GLN A 218 1.32 14.91 -17.96
N GLN A 219 1.49 13.60 -18.17
CA GLN A 219 0.46 12.83 -18.84
C GLN A 219 -0.85 12.86 -18.05
N ASN A 220 -0.75 12.86 -16.72
CA ASN A 220 -1.94 12.91 -15.89
C ASN A 220 -2.69 14.24 -16.06
N HIS A 221 -1.94 15.34 -16.10
CA HIS A 221 -2.60 16.63 -16.33
C HIS A 221 -3.24 16.68 -17.70
N LEU A 222 -2.56 16.12 -18.71
CA LEU A 222 -3.16 16.08 -20.04
C LEU A 222 -4.44 15.24 -20.05
N ASN A 223 -4.44 14.11 -19.33
CA ASN A 223 -5.63 13.28 -19.26
C ASN A 223 -6.76 13.99 -18.53
N LEU A 224 -6.44 14.76 -17.49
CA LEU A 224 -7.48 15.54 -16.81
C LEU A 224 -8.09 16.57 -17.75
N LYS A 225 -7.25 17.25 -18.53
CA LYS A 225 -7.78 18.18 -19.54
C LYS A 225 -8.68 17.45 -20.52
N GLU A 226 -8.24 16.28 -21.00
CA GLU A 226 -9.02 15.53 -21.98
C GLU A 226 -10.38 15.10 -21.42
N ILE A 227 -10.39 14.62 -20.17
CA ILE A 227 -11.65 14.14 -19.60
C ILE A 227 -12.58 15.31 -19.31
N LEU A 228 -12.03 16.46 -18.89
CA LEU A 228 -12.90 17.62 -18.70
C LEU A 228 -13.50 18.08 -20.03
N LYS A 229 -12.69 18.04 -21.10
CA LYS A 229 -13.23 18.39 -22.43
C LYS A 229 -14.31 17.41 -22.84
N SER A 230 -14.10 16.12 -22.61
CA SER A 230 -15.12 15.12 -22.96
C SER A 230 -16.40 15.34 -22.17
N TYR A 231 -16.27 15.66 -20.88
CA TYR A 231 -17.45 15.91 -20.07
C TYR A 231 -18.19 17.16 -20.54
N ARG A 232 -17.47 18.22 -20.87
CA ARG A 232 -18.13 19.46 -21.31
C ARG A 232 -18.65 19.34 -22.74
N LEU A 233 -18.19 18.36 -23.51
CA LEU A 233 -18.71 18.17 -24.86
C LEU A 233 -19.86 17.19 -24.93
N GLU A 234 -19.88 16.17 -24.05
CA GLU A 234 -20.94 15.17 -24.11
C GLU A 234 -22.25 15.70 -23.55
N TYR A 235 -22.20 16.51 -22.49
CA TYR A 235 -23.41 17.04 -21.89
C TYR A 235 -23.92 18.30 -22.59
N ASN A 236 -23.14 18.86 -23.51
CA ASN A 236 -23.56 20.02 -24.32
C ASN A 236 -23.98 21.18 -23.42
N LEU A 237 -23.16 21.48 -22.41
CA LEU A 237 -23.47 22.58 -21.50
C LEU A 237 -23.44 23.91 -22.22
N ASP A 238 -22.67 24.02 -23.32
CA ASP A 238 -22.64 25.25 -24.08
C ASP A 238 -23.98 25.52 -24.77
N GLU A 239 -24.64 24.47 -25.25
CA GLU A 239 -25.93 24.63 -25.91
C GLU A 239 -26.99 25.13 -24.93
N PHE A 240 -27.01 24.60 -23.71
CA PHE A 240 -28.01 24.98 -22.71
C PHE A 240 -27.53 26.23 -21.96
N GLN A 241 -27.57 27.35 -22.68
CA GLN A 241 -27.14 28.62 -22.10
C GLN A 241 -28.05 29.05 -20.95
N GLU A 242 -29.37 28.92 -21.13
CA GLU A 242 -30.29 29.30 -20.07
C GLU A 242 -30.15 28.39 -18.85
N GLN A 243 -30.02 27.08 -19.08
CA GLN A 243 -29.84 26.15 -17.97
C GLN A 243 -28.54 26.44 -17.23
N GLU A 244 -27.47 26.73 -17.97
CA GLU A 244 -26.20 27.07 -17.34
C GLU A 244 -26.33 28.35 -16.53
N ALA A 245 -27.04 29.35 -17.06
CA ALA A 245 -27.23 30.60 -16.33
C ALA A 245 -28.00 30.37 -15.05
N SER A 246 -29.06 29.57 -15.10
CA SER A 246 -29.84 29.28 -13.90
C SER A 246 -29.00 28.52 -12.88
N TYR A 247 -28.21 27.55 -13.34
CA TYR A 247 -27.34 26.80 -12.44
C TYR A 247 -26.30 27.71 -11.80
N GLN A 248 -25.73 28.63 -12.58
CA GLN A 248 -24.74 29.57 -12.04
C GLN A 248 -25.37 30.50 -11.01
N GLN A 249 -26.59 30.97 -11.27
CA GLN A 249 -27.28 31.80 -10.29
C GLN A 249 -27.55 31.02 -9.01
N TRP A 250 -27.95 29.76 -9.14
CA TRP A 250 -28.16 28.92 -7.96
C TRP A 250 -26.86 28.73 -7.18
N LEU A 251 -25.76 28.48 -7.88
CA LEU A 251 -24.48 28.31 -7.21
C LEU A 251 -24.06 29.58 -6.49
N SER A 252 -24.27 30.75 -7.12
CA SER A 252 -23.92 32.00 -6.48
C SER A 252 -24.79 32.25 -5.25
N ARG A 253 -26.08 31.96 -5.34
CA ARG A 253 -26.96 32.13 -4.19
C ARG A 253 -26.55 31.21 -3.05
N MET A 254 -26.15 29.97 -3.37
CA MET A 254 -25.66 29.07 -2.35
C MET A 254 -24.37 29.59 -1.72
N LYS A 255 -23.45 30.08 -2.55
CA LYS A 255 -22.18 30.61 -2.05
C LYS A 255 -22.35 31.91 -1.28
N SER A 256 -23.50 32.57 -1.39
CA SER A 256 -23.75 33.76 -0.59
C SER A 256 -23.71 33.44 0.90
N LEU A 257 -24.27 32.29 1.28
CA LEU A 257 -24.25 31.88 2.68
C LEU A 257 -22.85 31.44 3.09
N ASN A 258 -22.64 31.35 4.39
CA ASN A 258 -21.35 30.98 4.96
C ASN A 258 -21.24 29.49 5.29
N SER A 259 -22.25 28.69 4.95
CA SER A 259 -22.28 27.27 5.30
C SER A 259 -22.64 26.43 4.08
N PHE A 260 -21.99 26.72 2.95
CA PHE A 260 -22.23 25.99 1.71
C PHE A 260 -20.91 25.58 1.09
N ALA A 261 -20.91 24.40 0.45
CA ALA A 261 -19.76 23.93 -0.30
C ALA A 261 -20.25 22.97 -1.38
N LEU A 262 -19.43 22.80 -2.41
CA LEU A 262 -19.70 21.88 -3.50
C LEU A 262 -18.69 20.74 -3.45
N THR A 263 -19.18 19.51 -3.38
CA THR A 263 -18.31 18.36 -3.21
C THR A 263 -19.01 17.12 -3.75
N HIS A 264 -18.21 16.05 -3.89
CA HIS A 264 -18.77 14.78 -4.38
C HIS A 264 -19.79 14.22 -3.40
N ARG A 265 -19.56 14.43 -2.10
CA ARG A 265 -20.55 13.97 -1.11
C ARG A 265 -21.86 14.70 -1.28
N PHE A 266 -21.82 16.01 -1.55
CA PHE A 266 -23.04 16.79 -1.76
C PHE A 266 -23.79 16.28 -2.98
N LEU A 267 -23.07 16.00 -4.08
CA LEU A 267 -23.73 15.50 -5.28
C LEU A 267 -24.31 14.10 -5.06
N GLN A 268 -23.60 13.28 -4.29
CA GLN A 268 -24.11 11.93 -4.00
C GLN A 268 -25.35 11.99 -3.12
N GLY A 269 -25.38 12.95 -2.19
CA GLY A 269 -26.55 13.08 -1.33
C GLY A 269 -27.73 13.76 -1.98
N TRP A 270 -27.48 14.61 -2.99
CA TRP A 270 -28.58 15.30 -3.66
C TRP A 270 -29.51 14.32 -4.35
N ALA A 271 -28.95 13.30 -5.00
CA ALA A 271 -29.78 12.32 -5.70
C ALA A 271 -30.68 11.57 -4.73
N LYS A 272 -30.17 11.23 -3.54
CA LYS A 272 -30.99 10.53 -2.57
C LYS A 272 -32.01 11.45 -1.91
N ARG A 273 -31.68 12.73 -1.73
CA ARG A 273 -32.58 13.63 -1.02
C ARG A 273 -33.65 14.21 -1.94
N TRP A 274 -33.23 15.01 -2.93
CA TRP A 274 -34.21 15.78 -3.70
C TRP A 274 -34.95 14.93 -4.71
N ARG A 275 -34.28 13.97 -5.34
CA ARG A 275 -34.95 13.13 -6.33
C ARG A 275 -35.91 12.14 -5.70
N LYS A 276 -35.91 11.99 -4.38
CA LYS A 276 -36.77 11.03 -3.69
C LYS A 276 -37.82 11.71 -2.82
N GLN A 277 -37.41 12.57 -1.89
CA GLN A 277 -38.35 13.13 -0.93
C GLN A 277 -39.23 14.22 -1.52
N PHE A 278 -38.92 14.71 -2.73
CA PHE A 278 -39.75 15.77 -3.32
C PHE A 278 -41.13 15.25 -3.72
N LEU A 279 -41.24 13.97 -4.06
CA LEU A 279 -42.53 13.41 -4.45
C LEU A 279 -43.50 13.28 -3.29
N ALA A 280 -43.00 13.37 -2.05
CA ALA A 280 -43.86 13.27 -0.87
C ALA A 280 -44.68 14.53 -0.63
N GLY A 281 -44.39 15.62 -1.33
CA GLY A 281 -45.12 16.85 -1.16
C GLY A 281 -44.66 17.72 -0.01
N LYS A 282 -43.63 17.31 0.72
CA LYS A 282 -43.11 18.08 1.85
C LYS A 282 -41.59 18.21 1.72
N ASP A 283 -41.07 19.33 2.19
CA ASP A 283 -39.64 19.58 2.12
C ASP A 283 -38.91 18.73 3.15
N PRO A 284 -37.92 17.93 2.74
CA PRO A 284 -37.17 17.13 3.72
C PRO A 284 -36.35 18.00 4.66
N SER A 285 -35.55 18.91 4.09
CA SER A 285 -34.73 19.85 4.86
C SER A 285 -33.84 19.12 5.86
N TRP A 286 -33.28 17.98 5.43
CA TRP A 286 -32.44 17.16 6.29
C TRP A 286 -31.09 17.84 6.42
N THR A 287 -30.95 18.68 7.46
CA THR A 287 -29.75 19.50 7.69
C THR A 287 -29.43 20.39 6.48
N LEU A 288 -30.44 20.64 5.64
CA LEU A 288 -30.24 21.38 4.40
C LEU A 288 -30.10 22.88 4.62
N GLY A 289 -30.71 23.40 5.68
CA GLY A 289 -30.68 24.82 5.97
C GLY A 289 -32.06 25.45 5.86
N GLU A 290 -32.11 26.72 6.28
CA GLU A 290 -33.35 27.49 6.23
C GLU A 290 -33.47 28.27 4.93
N GLU A 291 -32.52 29.18 4.66
CA GLU A 291 -32.52 29.87 3.38
C GLU A 291 -32.16 28.93 2.24
N ALA A 292 -31.29 27.96 2.51
CA ALA A 292 -30.87 27.03 1.47
C ALA A 292 -32.04 26.18 0.98
N THR A 293 -32.87 25.70 1.91
CA THR A 293 -34.02 24.89 1.51
C THR A 293 -35.01 25.70 0.69
N LYS A 294 -35.27 26.95 1.10
CA LYS A 294 -36.18 27.80 0.33
C LYS A 294 -35.63 28.09 -1.06
N ILE A 295 -34.33 28.37 -1.16
CA ILE A 295 -33.72 28.62 -2.46
C ILE A 295 -33.81 27.38 -3.34
N CYS A 296 -33.54 26.21 -2.77
CA CYS A 296 -33.62 24.97 -3.52
C CYS A 296 -35.04 24.72 -4.01
N LYS A 297 -36.04 24.93 -3.15
CA LYS A 297 -37.42 24.73 -3.54
C LYS A 297 -37.81 25.70 -4.65
N GLU A 298 -37.38 26.96 -4.54
CA GLU A 298 -37.72 27.95 -5.56
C GLU A 298 -37.10 27.59 -6.91
N TYR A 299 -35.83 27.18 -6.89
CA TYR A 299 -35.14 26.91 -8.16
C TYR A 299 -35.54 25.56 -8.76
N GLN A 300 -35.93 24.59 -7.95
CA GLN A 300 -36.27 23.27 -8.48
C GLN A 300 -37.57 23.26 -9.27
N HIS A 301 -38.36 24.33 -9.20
CA HIS A 301 -39.61 24.37 -9.96
C HIS A 301 -39.35 24.35 -11.46
N LEU A 302 -38.17 24.80 -11.90
CA LEU A 302 -37.85 24.80 -13.31
C LEU A 302 -37.53 23.40 -13.82
N PHE A 303 -37.03 22.51 -12.95
CA PHE A 303 -36.59 21.18 -13.34
C PHE A 303 -37.14 20.13 -12.38
N VAL A 304 -38.46 20.18 -12.15
CA VAL A 304 -39.09 19.21 -11.27
C VAL A 304 -38.91 17.79 -11.80
N ASP A 305 -39.14 17.60 -13.10
CA ASP A 305 -39.10 16.27 -13.70
C ASP A 305 -37.69 15.78 -14.01
N ASN A 306 -36.67 16.63 -13.86
CA ASN A 306 -35.30 16.26 -14.17
C ASN A 306 -34.42 16.59 -12.97
N ASP A 307 -33.11 16.41 -13.14
CA ASP A 307 -32.11 16.71 -12.11
C ASP A 307 -30.98 17.49 -12.79
N PHE A 308 -31.13 18.82 -12.85
CA PHE A 308 -30.11 19.65 -13.47
C PHE A 308 -28.90 19.85 -12.55
N ILE A 309 -29.12 19.89 -11.24
CA ILE A 309 -28.02 20.13 -10.31
C ILE A 309 -27.00 19.00 -10.36
N TYR A 310 -27.48 17.75 -10.41
CA TYR A 310 -26.56 16.61 -10.43
C TYR A 310 -25.69 16.63 -11.68
N LEU A 311 -26.26 17.02 -12.82
CA LEU A 311 -25.52 17.05 -14.08
C LEU A 311 -24.78 18.36 -14.31
N PHE A 312 -24.99 19.36 -13.46
CA PHE A 312 -24.34 20.65 -13.63
C PHE A 312 -23.25 20.95 -12.60
N GLY A 313 -23.33 20.37 -11.41
CA GLY A 313 -22.34 20.66 -10.40
C GLY A 313 -20.99 20.02 -10.60
N LYS A 314 -20.88 19.05 -11.51
CA LYS A 314 -19.61 18.36 -11.71
C LYS A 314 -18.62 19.19 -12.51
N GLU A 315 -19.10 20.12 -13.34
CA GLU A 315 -18.18 20.93 -14.13
C GLU A 315 -17.32 21.82 -13.26
N ASP A 316 -17.91 22.45 -12.24
CA ASP A 316 -17.14 23.28 -11.33
C ASP A 316 -16.12 22.44 -10.56
N LEU A 317 -16.52 21.24 -10.15
CA LEU A 317 -15.59 20.36 -9.46
C LEU A 317 -14.42 19.99 -10.37
N LEU A 318 -14.70 19.68 -11.65
CA LEU A 318 -13.63 19.36 -12.57
C LEU A 318 -12.71 20.56 -12.78
N LYS A 319 -13.27 21.75 -12.90
CA LYS A 319 -12.46 22.94 -13.11
C LYS A 319 -11.54 23.19 -11.92
N LEU A 320 -12.08 23.12 -10.70
CA LEU A 320 -11.26 23.36 -9.52
C LEU A 320 -10.22 22.26 -9.34
N LYS A 321 -10.58 21.01 -9.63
CA LYS A 321 -9.62 19.92 -9.53
C LYS A 321 -8.49 20.08 -10.53
N VAL A 322 -8.81 20.48 -11.75
CA VAL A 322 -7.77 20.69 -12.76
C VAL A 322 -6.88 21.87 -12.38
N GLU A 323 -7.47 22.91 -11.79
CA GLU A 323 -6.65 24.02 -11.31
C GLU A 323 -5.71 23.56 -10.20
N GLU A 324 -6.20 22.73 -9.28
CA GLU A 324 -5.43 22.40 -8.09
C GLU A 324 -4.29 21.43 -8.38
N ARG A 325 -4.45 20.55 -9.36
CA ARG A 325 -3.44 19.53 -9.62
C ARG A 325 -2.13 20.17 -10.07
N LYS A 326 -1.02 19.56 -9.66
CA LYS A 326 0.29 20.08 -10.02
C LYS A 326 0.65 19.72 -11.45
N GLN A 327 1.51 20.55 -12.06
CA GLN A 327 1.91 20.40 -13.45
C GLN A 327 3.19 19.58 -13.59
N ASN A 328 4.28 20.06 -13.00
CA ASN A 328 5.58 19.42 -13.11
C ASN A 328 5.99 18.89 -11.74
N ALA A 329 6.60 17.71 -11.74
CA ALA A 329 6.94 17.04 -10.49
C ALA A 329 7.94 17.87 -9.69
N GLN A 330 7.78 17.82 -8.37
CA GLN A 330 8.63 18.60 -7.47
C GLN A 330 9.99 17.94 -7.34
N PHE A 331 11.05 18.75 -7.42
CA PHE A 331 12.41 18.27 -7.59
C PHE A 331 13.19 18.44 -6.29
N THR A 332 13.74 17.33 -5.79
CA THR A 332 14.50 17.33 -4.55
C THR A 332 15.91 16.84 -4.84
N LEU A 333 16.90 17.67 -4.52
CA LEU A 333 18.29 17.30 -4.65
C LEU A 333 18.74 16.52 -3.42
N PRO A 334 19.77 15.68 -3.54
CA PRO A 334 20.22 14.91 -2.38
C PRO A 334 20.97 15.77 -1.39
N ASP A 335 20.73 15.52 -0.11
CA ASP A 335 21.44 16.17 0.97
C ASP A 335 21.93 15.09 1.94
N VAL A 336 23.08 15.35 2.55
CA VAL A 336 23.68 14.34 3.41
C VAL A 336 22.81 14.07 4.62
N ILE A 337 22.00 15.03 5.04
CA ILE A 337 21.20 14.90 6.25
C ILE A 337 19.70 14.93 5.98
N LYS A 338 19.26 15.33 4.78
CA LYS A 338 17.84 15.45 4.47
C LYS A 338 17.36 14.42 3.47
N SER A 339 18.04 14.28 2.33
CA SER A 339 17.70 13.32 1.29
C SER A 339 18.95 12.48 1.04
N PRO A 340 19.19 11.46 1.86
CA PRO A 340 20.49 10.79 1.85
C PRO A 340 20.74 9.99 0.59
N ILE A 341 22.01 9.90 0.22
CA ILE A 341 22.49 8.95 -0.77
C ILE A 341 23.45 8.01 -0.07
N TYR A 342 23.25 6.71 -0.26
CA TYR A 342 23.99 5.71 0.49
C TYR A 342 24.90 4.95 -0.45
N PRO A 343 26.21 4.99 -0.22
CA PRO A 343 27.14 4.33 -1.13
C PRO A 343 26.84 2.85 -1.24
N GLN A 344 26.94 2.33 -2.48
CA GLN A 344 26.75 0.90 -2.72
C GLN A 344 28.08 0.36 -3.21
N LEU A 345 28.90 -0.12 -2.30
CA LEU A 345 30.25 -0.60 -2.59
C LEU A 345 30.18 -1.82 -3.48
N GLY A 346 31.20 -2.01 -4.29
CA GLY A 346 31.25 -3.14 -5.19
C GLY A 346 32.38 -2.99 -6.18
N ASN A 347 32.40 -3.89 -7.15
CA ASN A 347 33.47 -3.85 -8.14
C ASN A 347 33.29 -2.69 -9.11
N ASN A 348 32.04 -2.28 -9.34
CA ASN A 348 31.76 -1.16 -10.22
C ASN A 348 31.64 0.16 -9.49
N GLY A 349 31.88 0.17 -8.19
CA GLY A 349 31.88 1.38 -7.39
C GLY A 349 33.05 1.36 -6.44
N GLN A 350 32.83 1.91 -5.25
CA GLN A 350 33.83 1.84 -4.20
C GLN A 350 34.18 0.39 -3.91
N GLY A 351 35.48 0.10 -3.86
CA GLY A 351 35.90 -1.25 -3.57
C GLY A 351 35.63 -1.64 -2.14
N PHE A 352 35.58 -2.95 -1.91
CA PHE A 352 35.37 -3.46 -0.57
C PHE A 352 35.88 -4.90 -0.51
N GLY A 353 36.08 -5.36 0.72
CA GLY A 353 36.50 -6.73 0.94
C GLY A 353 36.14 -7.17 2.33
N ILE A 354 36.17 -8.49 2.53
CA ILE A 354 35.85 -9.09 3.82
C ILE A 354 36.95 -10.09 4.16
N GLU A 355 37.48 -10.00 5.37
CA GLU A 355 38.59 -10.83 5.81
C GLU A 355 38.31 -11.36 7.21
N GLN A 356 38.65 -12.62 7.43
CA GLN A 356 38.47 -13.23 8.75
C GLN A 356 39.81 -13.40 9.48
N ASP A 358 40.97 -13.67 12.82
CA ASP A 358 41.11 -14.98 13.46
C ASP A 358 39.75 -15.54 13.88
N ASN A 359 38.96 -14.72 14.57
CA ASN A 359 37.62 -15.13 14.97
C ASN A 359 36.60 -14.00 14.79
N ASP A 360 37.02 -12.86 14.26
CA ASP A 360 36.14 -11.73 14.00
C ASP A 360 36.16 -11.42 12.51
N ILE A 361 35.03 -10.99 11.98
CA ILE A 361 34.91 -10.69 10.56
C ILE A 361 35.10 -9.20 10.36
N TYR A 362 36.05 -8.83 9.50
CA TYR A 362 36.40 -7.45 9.27
C TYR A 362 36.06 -7.05 7.84
N LEU A 363 35.55 -5.84 7.68
CA LEU A 363 35.18 -5.28 6.40
C LEU A 363 36.15 -4.15 6.06
N ILE A 364 36.76 -4.23 4.89
CA ILE A 364 37.72 -3.22 4.46
C ILE A 364 37.09 -2.43 3.33
N ILE A 365 36.91 -1.13 3.56
CA ILE A 365 36.31 -0.20 2.61
C ILE A 365 37.40 0.64 1.98
N GLN A 366 37.36 0.80 0.66
CA GLN A 366 38.33 1.61 -0.04
C GLN A 366 37.98 3.09 0.11
N SER A 367 39.01 3.91 0.28
CA SER A 367 38.78 5.34 0.51
C SER A 367 38.33 6.03 -0.77
N CYS A 368 37.54 7.08 -0.60
CA CYS A 368 37.10 7.89 -1.73
C CYS A 368 38.28 8.56 -2.42
N PHE A 369 39.22 9.09 -1.65
CA PHE A 369 40.30 9.90 -2.17
C PHE A 369 41.50 9.04 -2.55
N ILE A 370 42.56 9.70 -3.03
CA ILE A 370 43.79 9.05 -3.45
C ILE A 370 44.81 9.14 -2.32
N ASP A 371 45.74 8.19 -2.30
CA ASP A 371 46.86 8.18 -1.36
C ASP A 371 46.39 8.19 0.09
N ARG A 372 45.24 7.56 0.35
CA ARG A 372 44.74 7.41 1.70
C ARG A 372 44.48 5.93 1.97
N PRO A 373 44.74 5.46 3.19
CA PRO A 373 44.63 4.03 3.46
C PRO A 373 43.19 3.55 3.41
N ASN A 374 43.06 2.26 3.16
CA ASN A 374 41.77 1.60 3.31
C ASN A 374 41.32 1.66 4.76
N ILE A 375 40.01 1.59 4.95
CA ILE A 375 39.39 1.69 6.27
C ILE A 375 38.97 0.30 6.70
N ARG A 376 39.15 0.00 7.99
CA ARG A 376 38.87 -1.32 8.53
C ARG A 376 37.79 -1.21 9.59
N ALA A 377 36.78 -2.08 9.50
CA ALA A 377 35.69 -2.12 10.45
C ALA A 377 35.45 -3.56 10.86
N LYS A 378 34.82 -3.74 12.02
CA LYS A 378 34.42 -5.05 12.48
C LYS A 378 32.91 -5.18 12.36
N ILE A 379 32.47 -6.27 11.72
CA ILE A 379 31.05 -6.53 11.52
C ILE A 379 30.52 -7.08 12.84
N VAL A 380 29.93 -6.23 13.67
CA VAL A 380 29.53 -6.69 14.99
C VAL A 380 28.38 -7.69 14.85
N PRO A 381 28.48 -8.88 15.42
CA PRO A 381 27.48 -9.91 15.16
C PRO A 381 26.12 -9.56 15.75
N HIS A 382 25.17 -10.46 15.57
CA HIS A 382 23.80 -10.22 15.99
C HIS A 382 23.60 -10.76 17.41
N LYS A 383 22.38 -10.67 17.93
CA LYS A 383 22.14 -10.88 19.36
C LYS A 383 22.56 -12.27 19.81
N LYS A 384 22.17 -13.30 19.07
CA LYS A 384 22.48 -14.68 19.44
C LYS A 384 22.76 -15.44 18.16
N THR A 385 24.04 -15.60 17.84
CA THR A 385 24.47 -16.15 16.55
C THR A 385 24.96 -17.57 16.76
N SER A 386 24.20 -18.54 16.25
CA SER A 386 24.62 -19.94 16.34
C SER A 386 25.87 -20.19 15.52
N VAL A 387 25.89 -19.75 14.27
CA VAL A 387 27.08 -19.86 13.44
C VAL A 387 27.31 -18.55 12.70
N TRP A 388 28.59 -18.23 12.48
CA TRP A 388 28.98 -16.93 11.94
C TRP A 388 30.36 -17.09 11.32
N SER A 389 30.43 -17.21 9.99
CA SER A 389 31.71 -17.52 9.38
C SER A 389 31.77 -17.03 7.94
N LEU A 390 32.98 -16.95 7.43
CA LEU A 390 33.26 -16.74 6.03
C LEU A 390 33.63 -18.08 5.39
N GLU A 391 33.88 -18.06 4.08
CA GLU A 391 34.20 -19.29 3.36
C GLU A 391 35.65 -19.38 2.91
N GLN A 392 36.32 -18.26 2.65
CA GLN A 392 37.69 -18.28 2.19
C GLN A 392 38.65 -18.62 3.32
N GLU A 393 39.76 -19.25 2.97
CA GLU A 393 40.79 -19.57 3.95
C GLU A 393 41.43 -18.29 4.46
N ASN A 394 41.31 -18.05 5.76
CA ASN A 394 41.79 -16.81 6.39
C ASN A 394 42.69 -17.13 7.57
N THR A 395 43.61 -18.07 7.38
CA THR A 395 44.56 -18.40 8.43
C THR A 395 45.55 -17.27 8.65
N LYS A 396 45.95 -17.09 9.91
CA LYS A 396 46.88 -16.02 10.26
C LYS A 396 48.26 -16.31 9.69
N GLN A 397 48.95 -15.24 9.31
CA GLN A 397 50.28 -15.34 8.74
C GLN A 397 51.05 -14.06 9.09
N THR A 398 52.22 -13.89 8.48
CA THR A 398 53.10 -12.77 8.77
C THR A 398 52.84 -11.60 7.82
N LYS A 399 51.59 -11.13 7.78
CA LYS A 399 51.20 -9.94 7.02
C LYS A 399 51.58 -10.08 5.54
N LYS A 400 50.98 -11.06 4.88
CA LYS A 400 51.28 -11.29 3.47
C LYS A 400 50.87 -10.10 2.61
N LYS A 401 49.69 -9.53 2.86
CA LYS A 401 49.21 -8.40 2.08
C LYS A 401 48.52 -7.33 2.92
N ASN A 402 48.45 -7.47 4.23
CA ASN A 402 47.80 -6.49 5.13
C ASN A 402 46.33 -6.36 4.68
N ALA A 403 45.77 -5.15 4.68
CA ALA A 403 44.40 -4.93 4.25
C ALA A 403 44.40 -4.66 2.75
N GLN A 404 44.23 -5.73 1.97
CA GLN A 404 44.21 -5.64 0.52
C GLN A 404 42.80 -5.86 0.00
N ILE A 405 42.35 -4.97 -0.88
CA ILE A 405 41.07 -5.09 -1.55
C ILE A 405 41.32 -5.63 -2.94
N ASP A 406 40.76 -6.80 -3.23
CA ASP A 406 41.06 -7.48 -4.49
C ASP A 406 39.77 -7.90 -5.17
N LYS A 407 39.81 -7.88 -6.49
CA LYS A 407 38.79 -8.54 -7.30
C LYS A 407 39.11 -10.03 -7.31
N ASN A 408 38.46 -10.78 -8.20
CA ASN A 408 38.56 -12.23 -8.31
C ASN A 408 37.97 -12.92 -7.09
N LYS A 409 37.50 -12.18 -6.10
CA LYS A 409 36.83 -12.74 -4.94
C LYS A 409 35.56 -11.96 -4.61
N ILE A 410 34.97 -11.32 -5.63
CA ILE A 410 33.82 -10.46 -5.38
C ILE A 410 32.65 -11.21 -4.75
N PRO A 411 32.25 -12.42 -5.20
CA PRO A 411 31.08 -13.03 -4.53
C PRO A 411 31.45 -13.68 -3.21
N TYR A 412 31.53 -12.86 -2.17
CA TYR A 412 31.91 -13.38 -0.85
C TYR A 412 30.79 -14.23 -0.27
N LYS A 413 31.14 -15.31 0.40
CA LYS A 413 30.17 -16.28 0.89
C LYS A 413 30.16 -16.23 2.41
N LEU A 414 29.13 -15.62 2.98
CA LEU A 414 29.00 -15.50 4.43
C LEU A 414 27.94 -16.47 4.92
N PHE A 415 28.34 -17.36 5.84
CA PHE A 415 27.42 -18.27 6.50
C PHE A 415 27.01 -17.64 7.83
N LEU A 416 25.72 -17.56 8.08
CA LEU A 416 25.24 -17.04 9.36
C LEU A 416 23.93 -17.69 9.74
N ARG A 417 23.78 -17.95 11.03
CA ARG A 417 22.57 -18.53 11.59
C ARG A 417 22.42 -18.04 13.01
N ARG A 418 21.31 -17.39 13.31
CA ARG A 418 21.06 -16.92 14.67
C ARG A 418 20.13 -17.88 15.39
N ALA A 419 19.44 -17.38 16.42
CA ALA A 419 18.49 -18.22 17.13
C ALA A 419 17.16 -18.31 16.41
N ALA A 420 16.68 -17.18 15.88
CA ALA A 420 15.35 -17.14 15.28
C ALA A 420 15.29 -17.81 13.92
N ASP A 421 16.41 -17.98 13.25
CA ASP A 421 16.41 -18.55 11.91
C ASP A 421 16.04 -20.03 11.95
N ARG A 422 15.52 -20.53 10.84
CA ARG A 422 15.15 -21.92 10.70
C ARG A 422 16.09 -22.71 9.81
N TYR A 423 17.04 -22.05 9.14
CA TYR A 423 18.00 -22.73 8.30
C TYR A 423 19.24 -21.86 8.18
N GLU A 424 20.39 -22.51 8.00
CA GLU A 424 21.64 -21.79 7.83
C GLU A 424 21.54 -20.88 6.61
N LYS A 425 21.91 -19.61 6.80
CA LYS A 425 21.70 -18.59 5.78
C LYS A 425 23.02 -18.25 5.10
N GLN A 426 23.06 -18.45 3.80
CA GLN A 426 24.23 -18.17 2.98
C GLN A 426 23.97 -16.89 2.20
N ILE A 427 24.83 -15.90 2.38
CA ILE A 427 24.71 -14.63 1.67
C ILE A 427 25.91 -14.49 0.75
N GLU A 428 25.63 -14.33 -0.55
CA GLU A 428 26.64 -14.13 -1.58
C GLU A 428 26.72 -12.62 -1.82
N ILE A 429 27.65 -11.98 -1.12
CA ILE A 429 27.81 -10.53 -1.21
C ILE A 429 28.54 -10.18 -2.50
N SER A 430 27.91 -9.34 -3.32
CA SER A 430 28.56 -8.67 -4.44
C SER A 430 28.47 -7.16 -4.34
N GLU A 431 27.51 -6.63 -3.59
CA GLU A 431 27.47 -5.22 -3.24
C GLU A 431 27.05 -5.10 -1.79
N CYS A 432 27.52 -4.06 -1.13
CA CYS A 432 27.17 -3.82 0.27
C CYS A 432 26.89 -2.33 0.44
N ARG A 433 25.83 -2.02 1.18
CA ARG A 433 25.41 -0.63 1.32
C ARG A 433 25.93 -0.02 2.61
N LEU A 434 26.52 1.17 2.50
CA LEU A 434 26.95 1.94 3.65
C LEU A 434 25.83 2.88 4.06
N GLN A 435 25.47 2.87 5.34
CA GLN A 435 24.40 3.70 5.84
C GLN A 435 24.88 4.43 7.09
N HIS A 436 24.52 5.71 7.20
CA HIS A 436 24.99 6.55 8.30
C HIS A 436 23.79 7.05 9.09
N ARG A 437 23.88 6.94 10.41
CA ARG A 437 22.85 7.42 11.32
C ARG A 437 23.47 8.43 12.27
N PHE A 438 22.76 9.52 12.51
CA PHE A 438 23.23 10.61 13.36
C PHE A 438 22.48 10.66 14.68
N CYS A 439 22.18 9.48 15.24
CA CYS A 439 21.49 9.40 16.52
C CYS A 439 22.35 9.99 17.63
N SER A 440 21.74 10.81 18.49
CA SER A 440 22.39 11.45 19.62
C SER A 440 23.56 12.35 19.19
N GLY A 441 23.57 12.81 17.95
CA GLY A 441 24.60 13.70 17.47
C GLY A 441 25.92 13.05 17.11
N LYS A 442 26.03 11.73 17.24
CA LYS A 442 27.25 11.00 16.93
C LYS A 442 26.99 10.10 15.72
N ALA A 443 27.86 10.20 14.72
CA ALA A 443 27.69 9.43 13.50
C ALA A 443 28.01 7.96 13.75
N ASN A 444 27.20 7.08 13.17
CA ASN A 444 27.39 5.64 13.25
C ASN A 444 27.13 5.03 11.89
N PHE A 445 27.76 3.88 11.64
CA PHE A 445 27.75 3.29 10.31
C PHE A 445 27.26 1.85 10.37
N HIS A 446 26.44 1.50 9.38
CA HIS A 446 25.93 0.15 9.22
C HIS A 446 26.20 -0.31 7.80
N VAL A 447 26.51 -1.59 7.65
CA VAL A 447 26.69 -2.22 6.35
C VAL A 447 25.51 -3.14 6.13
N VAL A 448 24.88 -3.03 4.97
CA VAL A 448 23.69 -3.79 4.63
C VAL A 448 24.06 -4.80 3.55
N PHE A 449 23.78 -6.07 3.82
CA PHE A 449 24.00 -7.19 2.93
C PHE A 449 22.67 -7.79 2.52
N SER A 450 22.52 -8.12 1.24
CA SER A 450 21.33 -8.78 0.75
C SER A 450 21.68 -10.19 0.33
N LEU A 451 20.84 -11.15 0.73
CA LEU A 451 20.95 -12.50 0.21
C LEU A 451 19.92 -12.70 -0.89
N LYS A 452 20.34 -13.37 -1.96
CA LYS A 452 19.53 -13.56 -3.14
C LYS A 452 19.07 -15.01 -3.24
N GLY A 453 17.90 -15.20 -3.83
CA GLY A 453 17.39 -16.52 -4.08
C GLY A 453 16.59 -16.55 -5.36
N GLU A 454 16.58 -17.71 -5.99
CA GLU A 454 15.79 -17.97 -7.18
C GLU A 454 14.60 -18.84 -6.80
N ALA A 455 13.41 -18.27 -6.87
CA ALA A 455 12.18 -18.97 -6.52
C ALA A 455 11.48 -19.41 -7.79
N ASN A 456 11.10 -20.69 -7.85
CA ASN A 456 10.42 -21.22 -9.01
C ASN A 456 9.08 -20.51 -9.21
N ASP A 457 8.76 -20.23 -10.47
CA ASP A 457 7.64 -19.37 -10.82
C ASP A 457 6.72 -20.12 -11.78
N THR A 458 6.28 -21.31 -11.37
CA THR A 458 5.25 -22.03 -12.11
C THR A 458 4.02 -22.34 -11.29
N LEU A 459 4.10 -22.27 -9.96
CA LEU A 459 2.93 -22.58 -9.14
C LEU A 459 1.85 -21.52 -9.26
N THR A 460 2.24 -20.26 -9.44
CA THR A 460 1.23 -19.21 -9.63
C THR A 460 0.43 -19.45 -10.90
N LYS A 461 1.12 -19.64 -12.03
CA LYS A 461 0.42 -19.87 -13.28
C LYS A 461 -0.41 -21.13 -13.23
N ALA A 462 0.14 -22.20 -12.65
CA ALA A 462 -0.59 -23.46 -12.58
C ALA A 462 -1.81 -23.34 -11.68
N SER A 463 -1.74 -22.48 -10.66
CA SER A 463 -2.90 -22.23 -9.82
C SER A 463 -3.92 -21.33 -10.48
N THR A 464 -3.52 -20.59 -11.52
CA THR A 464 -4.50 -19.78 -12.25
C THR A 464 -5.62 -20.61 -12.86
N LEU A 465 -5.42 -21.91 -13.07
CA LEU A 465 -6.46 -22.70 -13.71
C LEU A 465 -7.69 -22.85 -12.83
N PHE A 466 -7.55 -22.59 -11.53
CA PHE A 466 -8.67 -22.65 -10.60
C PHE A 466 -9.44 -21.34 -10.53
N LEU A 467 -9.03 -20.33 -11.28
CA LEU A 467 -9.72 -19.04 -11.29
C LEU A 467 -10.39 -18.76 -12.63
N THR A 468 -10.45 -19.74 -13.52
CA THR A 468 -11.14 -19.58 -14.80
C THR A 468 -12.65 -19.60 -14.56
N ALA A 469 -13.40 -19.17 -15.57
CA ALA A 469 -14.82 -18.90 -15.41
C ALA A 469 -15.73 -20.08 -15.74
N THR A 470 -15.18 -21.24 -16.07
CA THR A 470 -15.97 -22.39 -16.54
C THR A 470 -16.83 -22.01 -17.73
N GLN A 471 -16.24 -21.27 -18.67
CA GLN A 471 -16.82 -21.08 -20.00
C GLN A 471 -15.85 -21.38 -21.12
N LYS A 472 -14.55 -21.44 -20.85
CA LYS A 472 -13.53 -21.79 -21.81
C LYS A 472 -12.56 -22.76 -21.16
N PRO A 473 -12.01 -23.71 -21.91
CA PRO A 473 -11.09 -24.69 -21.31
C PRO A 473 -9.91 -23.98 -20.66
N VAL A 474 -9.51 -24.49 -19.49
CA VAL A 474 -8.42 -23.87 -18.76
C VAL A 474 -7.15 -23.91 -19.60
N SER A 475 -6.28 -22.92 -19.41
CA SER A 475 -5.09 -22.79 -20.22
C SER A 475 -4.28 -24.09 -20.18
N GLU A 476 -3.97 -24.61 -21.36
CA GLU A 476 -3.34 -25.92 -21.46
C GLU A 476 -1.99 -25.93 -20.76
N TRP A 477 -1.19 -24.89 -20.96
CA TRP A 477 0.14 -24.84 -20.36
C TRP A 477 0.09 -24.89 -18.84
N SER A 478 -1.04 -24.52 -18.24
CA SER A 478 -1.21 -24.66 -16.80
C SER A 478 -1.81 -26.00 -16.41
N LYS A 479 -2.47 -26.70 -17.35
CA LYS A 479 -3.08 -27.97 -17.03
C LYS A 479 -2.03 -29.05 -16.80
N ASP A 480 -0.84 -28.89 -17.39
CA ASP A 480 0.20 -29.89 -17.30
C ASP A 480 1.35 -29.51 -16.38
N ASN A 481 1.19 -28.46 -15.59
CA ASN A 481 2.25 -28.02 -14.68
C ASN A 481 1.85 -28.10 -13.21
N LEU A 482 0.58 -28.34 -12.92
CA LEU A 482 0.14 -28.46 -11.55
C LEU A 482 0.74 -29.72 -10.91
N PRO A 483 1.14 -29.66 -9.65
CA PRO A 483 1.58 -30.89 -8.96
C PRO A 483 0.41 -31.86 -8.82
N LYS A 484 0.76 -33.15 -8.81
CA LYS A 484 -0.28 -34.18 -8.81
C LYS A 484 -0.97 -34.29 -7.46
N GLN A 485 -0.21 -34.24 -6.37
CA GLN A 485 -0.74 -34.47 -5.02
C GLN A 485 -0.40 -33.26 -4.15
N MET A 486 -0.81 -32.09 -4.60
CA MET A 486 -0.54 -30.85 -3.89
C MET A 486 -1.58 -30.60 -2.81
N ARG A 487 -1.15 -29.92 -1.75
CA ARG A 487 -1.98 -29.64 -0.59
C ARG A 487 -2.13 -28.13 -0.43
N VAL A 488 -3.36 -27.66 -0.28
CA VAL A 488 -3.67 -26.24 -0.29
C VAL A 488 -4.14 -25.82 1.09
N ALA A 489 -3.97 -24.54 1.39
CA ALA A 489 -4.44 -23.95 2.63
C ALA A 489 -5.15 -22.65 2.31
N PHE A 490 -6.25 -22.41 3.00
CA PHE A 490 -7.05 -21.19 2.83
C PHE A 490 -7.03 -20.45 4.14
N VAL A 491 -6.66 -19.16 4.09
CA VAL A 491 -6.36 -18.40 5.29
C VAL A 491 -7.28 -17.19 5.38
N ASP A 492 -7.70 -16.87 6.61
CA ASP A 492 -8.50 -15.70 6.93
C ASP A 492 -7.79 -14.94 8.05
N ILE A 493 -7.81 -13.61 7.94
CA ILE A 493 -6.91 -12.76 8.71
C ILE A 493 -7.69 -11.79 9.59
N GLY A 494 -8.81 -12.26 10.16
CA GLY A 494 -9.58 -11.47 11.09
C GLY A 494 -8.80 -10.89 12.25
N LEU A 495 -9.40 -9.96 12.99
CA LEU A 495 -8.66 -9.20 13.99
C LEU A 495 -8.51 -9.97 15.30
N ASN A 496 -9.62 -10.26 15.98
CA ASN A 496 -9.53 -10.91 17.28
C ASN A 496 -8.91 -12.29 17.20
N PRO A 497 -9.37 -13.20 16.33
CA PRO A 497 -8.54 -14.34 15.99
C PRO A 497 -7.58 -13.97 14.88
N PRO A 498 -6.29 -13.83 15.18
CA PRO A 498 -5.36 -13.25 14.19
C PRO A 498 -5.28 -14.03 12.90
N LEU A 499 -5.39 -15.36 12.97
CA LEU A 499 -5.25 -16.20 11.79
C LEU A 499 -6.15 -17.42 11.93
N SER A 500 -6.80 -17.81 10.83
CA SER A 500 -7.61 -19.01 10.80
C SER A 500 -7.45 -19.68 9.45
N MET A 501 -6.95 -20.91 9.44
CA MET A 501 -6.71 -21.58 8.17
C MET A 501 -7.37 -22.94 8.13
N SER A 502 -7.56 -23.43 6.91
CA SER A 502 -8.05 -24.79 6.67
C SER A 502 -7.20 -25.39 5.58
N ILE A 503 -7.03 -26.72 5.61
CA ILE A 503 -6.13 -27.40 4.70
C ILE A 503 -6.91 -28.45 3.94
N TYR A 504 -6.72 -28.47 2.63
CA TYR A 504 -7.37 -29.41 1.72
C TYR A 504 -6.32 -30.17 0.94
N ASP A 505 -6.62 -31.42 0.59
CA ASP A 505 -5.70 -32.28 -0.14
C ASP A 505 -6.25 -32.52 -1.54
N TYR A 506 -5.47 -32.14 -2.55
CA TYR A 506 -5.86 -32.32 -3.94
C TYR A 506 -5.16 -33.55 -4.50
N ASN A 507 -5.95 -34.45 -5.08
CA ASN A 507 -5.44 -35.67 -5.67
C ASN A 507 -5.85 -35.68 -7.14
N GLN A 508 -4.88 -35.52 -8.03
CA GLN A 508 -5.15 -35.61 -9.46
C GLN A 508 -5.71 -36.98 -9.83
N GLU A 509 -5.09 -38.04 -9.32
CA GLU A 509 -5.48 -39.39 -9.70
C GLU A 509 -6.90 -39.71 -9.22
N ASP A 510 -7.17 -39.47 -7.95
CA ASP A 510 -8.50 -39.75 -7.41
C ASP A 510 -9.53 -38.82 -8.02
N ASN A 511 -10.68 -39.38 -8.37
CA ASN A 511 -11.76 -38.62 -8.98
C ASN A 511 -13.08 -38.79 -8.24
N SER A 512 -13.05 -39.28 -7.01
CA SER A 512 -14.27 -39.58 -6.26
C SER A 512 -14.24 -39.00 -4.85
N GLY A 513 -13.43 -37.97 -4.63
CA GLY A 513 -13.44 -37.27 -3.37
C GLY A 513 -14.66 -36.39 -3.21
N GLU A 514 -14.78 -35.78 -2.04
CA GLU A 514 -15.98 -35.01 -1.73
C GLU A 514 -16.13 -33.79 -2.63
N ASN A 515 -15.03 -33.09 -2.90
CA ASN A 515 -15.04 -31.95 -3.82
C ASN A 515 -14.59 -32.42 -5.19
N LEU A 516 -15.34 -32.03 -6.22
CA LEU A 516 -15.03 -32.35 -7.60
C LEU A 516 -14.68 -31.08 -8.37
N VAL A 517 -13.63 -31.17 -9.19
CA VAL A 517 -13.15 -30.04 -9.98
C VAL A 517 -13.12 -30.43 -11.45
N TYR A 518 -13.68 -29.57 -12.29
CA TYR A 518 -13.73 -29.76 -13.74
C TYR A 518 -12.87 -28.71 -14.42
N ALA A 519 -12.13 -29.13 -15.44
CA ALA A 519 -11.12 -28.30 -16.09
C ALA A 519 -11.44 -28.12 -17.56
N GLY A 520 -12.71 -27.91 -17.89
CA GLY A 520 -13.12 -27.71 -19.26
C GLY A 520 -14.26 -26.72 -19.38
N ALA A 521 -15.32 -27.13 -20.06
CA ALA A 521 -16.56 -26.37 -20.13
C ALA A 521 -17.31 -26.54 -18.82
N ASP A 522 -18.60 -26.19 -18.79
CA ASP A 522 -19.34 -26.14 -17.54
C ASP A 522 -19.20 -27.45 -16.76
N GLN A 523 -19.45 -28.58 -17.41
CA GLN A 523 -19.31 -29.91 -16.79
C GLN A 523 -18.63 -30.80 -17.82
N GLN A 524 -17.30 -30.81 -17.79
CA GLN A 524 -16.52 -31.60 -18.74
C GLN A 524 -15.17 -31.96 -18.11
N VAL A 525 -14.52 -32.95 -18.71
CA VAL A 525 -13.19 -33.43 -18.35
C VAL A 525 -13.01 -33.52 -16.84
N PRO A 526 -13.55 -34.55 -16.20
CA PRO A 526 -13.52 -34.61 -14.72
C PRO A 526 -12.12 -34.74 -14.18
N PHE A 527 -11.40 -33.62 -14.16
CA PHE A 527 -10.00 -33.55 -13.80
C PHE A 527 -9.90 -33.51 -12.29
N GLY A 528 -9.73 -34.68 -11.68
CA GLY A 528 -9.30 -34.76 -10.29
C GLY A 528 -10.38 -34.41 -9.28
N SER A 529 -9.99 -34.48 -8.02
CA SER A 529 -10.89 -34.21 -6.91
C SER A 529 -10.08 -33.84 -5.68
N ALA A 530 -10.74 -33.16 -4.74
CA ALA A 530 -10.07 -32.63 -3.56
C ALA A 530 -10.78 -33.07 -2.30
N ASN A 531 -10.02 -33.14 -1.20
CA ASN A 531 -10.53 -33.61 0.08
C ASN A 531 -10.16 -32.64 1.18
N PHE A 532 -10.87 -32.75 2.30
CA PHE A 532 -10.62 -31.91 3.47
C PHE A 532 -9.79 -32.66 4.49
N VAL A 533 -8.79 -31.99 5.06
CA VAL A 533 -7.90 -32.65 6.01
C VAL A 533 -8.16 -32.17 7.42
N ARG A 534 -7.93 -30.88 7.70
CA ARG A 534 -8.15 -30.32 9.02
C ARG A 534 -7.97 -28.81 8.96
N GLU A 535 -8.62 -28.12 9.91
CA GLU A 535 -8.56 -26.67 10.00
C GLU A 535 -8.16 -26.26 11.41
N ASP A 536 -7.37 -25.20 11.51
CA ASP A 536 -6.84 -24.72 12.78
C ASP A 536 -6.95 -23.21 12.86
N GLN A 537 -6.62 -22.69 14.04
CA GLN A 537 -6.57 -21.26 14.32
C GLN A 537 -5.45 -21.03 15.33
N ILE A 538 -4.51 -20.16 15.00
CA ILE A 538 -3.28 -20.08 15.79
C ILE A 538 -3.29 -18.83 16.66
N GLY A 539 -4.46 -18.36 17.06
CA GLY A 539 -4.59 -17.27 17.99
C GLY A 539 -5.46 -17.66 19.18
N ASN A 540 -5.15 -17.07 20.33
CA ASN A 540 -5.95 -17.25 21.53
C ASN A 540 -5.88 -15.98 22.36
N VAL A 541 -6.87 -15.82 23.24
CA VAL A 541 -6.97 -14.62 24.05
C VAL A 541 -5.94 -14.56 25.17
N TYR A 542 -5.16 -15.63 25.34
CA TYR A 542 -4.17 -15.73 26.41
C TYR A 542 -4.82 -15.53 27.77
N ASN A 543 -4.58 -14.38 28.40
CA ASN A 543 -5.16 -14.06 29.69
C ASN A 543 -6.22 -12.99 29.50
N GLN A 544 -7.38 -13.20 30.12
CA GLN A 544 -8.48 -12.26 29.97
C GLN A 544 -8.31 -11.00 30.80
N ASN A 545 -7.45 -11.03 31.83
CA ASN A 545 -7.23 -9.84 32.63
C ASN A 545 -6.61 -8.72 31.81
N LEU A 546 -5.63 -9.06 30.98
CA LEU A 546 -4.99 -8.05 30.15
C LEU A 546 -5.97 -7.45 29.16
N LYS A 547 -6.80 -8.29 28.55
CA LYS A 547 -7.79 -7.78 27.61
C LYS A 547 -8.80 -6.88 28.30
N ARG A 548 -9.26 -7.29 29.49
CA ARG A 548 -10.21 -6.47 30.23
C ARG A 548 -9.61 -5.11 30.61
N ARG A 549 -8.36 -5.12 31.09
CA ARG A 549 -7.70 -3.86 31.44
C ARG A 549 -7.53 -2.96 30.21
N ILE A 550 -7.14 -3.55 29.08
CA ILE A 550 -6.95 -2.76 27.87
C ILE A 550 -8.27 -2.14 27.42
N GLU A 551 -9.35 -2.93 27.46
CA GLU A 551 -10.65 -2.41 27.04
C GLU A 551 -11.12 -1.30 27.96
N GLU A 552 -10.92 -1.47 29.27
CA GLU A 552 -11.29 -0.43 30.21
C GLU A 552 -10.50 0.86 29.98
N LEU A 553 -9.20 0.72 29.71
CA LEU A 553 -8.41 1.92 29.43
C LEU A 553 -8.84 2.56 28.12
N ASN A 554 -9.22 1.75 27.13
CA ASN A 554 -9.61 2.30 25.83
C ASN A 554 -10.89 3.11 25.93
N ASP A 555 -11.92 2.55 26.58
CA ASP A 555 -13.15 3.35 26.65
C ASP A 555 -13.00 4.47 27.66
N LYS A 556 -12.09 4.36 28.64
CA LYS A 556 -11.79 5.53 29.47
C LYS A 556 -11.17 6.64 28.65
N ILE A 557 -10.26 6.30 27.74
CA ILE A 557 -9.65 7.29 26.86
C ILE A 557 -10.70 7.95 25.98
N PHE A 558 -11.59 7.16 25.40
CA PHE A 558 -12.57 7.74 24.49
C PHE A 558 -13.55 8.62 25.26
N TYR A 559 -13.92 8.20 26.48
CA TYR A 559 -14.74 9.03 27.36
C TYR A 559 -14.06 10.36 27.64
N ALA A 560 -12.77 10.32 27.99
CA ALA A 560 -12.06 11.55 28.32
C ALA A 560 -11.94 12.46 27.11
N SER A 561 -11.68 11.90 25.93
CA SER A 561 -11.59 12.71 24.72
C SER A 561 -12.92 13.37 24.41
N SER A 562 -14.02 12.63 24.55
CA SER A 562 -15.33 13.22 24.32
C SER A 562 -15.62 14.31 25.33
N CYS A 563 -15.22 14.09 26.59
CA CYS A 563 -15.42 15.12 27.61
C CYS A 563 -14.64 16.39 27.28
N VAL A 564 -13.41 16.25 26.80
CA VAL A 564 -12.64 17.45 26.47
C VAL A 564 -13.24 18.12 25.23
N SER A 565 -13.81 17.35 24.31
CA SER A 565 -14.47 17.96 23.16
C SER A 565 -15.67 18.79 23.60
N PHE A 566 -16.49 18.24 24.51
CA PHE A 566 -17.61 19.00 25.05
C PHE A 566 -17.12 20.24 25.78
N TYR A 567 -16.05 20.12 26.55
CA TYR A 567 -15.52 21.25 27.29
C TYR A 567 -15.09 22.37 26.35
N LYS A 568 -14.38 22.01 25.27
CA LYS A 568 -14.00 23.02 24.28
C LYS A 568 -15.23 23.65 23.64
N ASN A 569 -16.22 22.83 23.28
CA ASN A 569 -17.37 23.33 22.55
C ASN A 569 -18.17 24.33 23.37
N ILE A 570 -18.40 24.04 24.66
CA ILE A 570 -19.20 24.95 25.48
C ILE A 570 -18.45 26.22 25.86
N SER A 571 -17.12 26.23 25.75
CA SER A 571 -16.32 27.35 26.21
C SER A 571 -16.28 28.44 25.14
N SER A 572 -15.46 29.45 25.37
CA SER A 572 -15.29 30.52 24.38
C SER A 572 -13.86 30.70 23.90
N LEU A 573 -12.97 30.95 24.84
CA LEU A 573 -11.59 31.24 24.50
C LEU A 573 -11.44 32.68 24.04
N GLU A 574 -10.26 33.06 23.61
CA GLU A 574 -9.91 34.41 23.16
C GLU A 574 -9.89 35.39 24.34
N GLY A 575 -10.32 34.97 25.53
CA GLY A 575 -10.20 35.79 26.72
C GLY A 575 -9.72 34.96 27.89
N ALA A 576 -8.87 33.98 27.61
CA ALA A 576 -8.44 33.03 28.62
C ALA A 576 -7.57 33.70 29.68
N THR A 577 -7.74 33.26 30.92
CA THR A 577 -7.06 33.85 32.06
C THR A 577 -6.21 32.82 32.77
N VAL A 578 -5.02 33.22 33.19
CA VAL A 578 -4.09 32.37 33.92
C VAL A 578 -4.22 32.74 35.39
N GLU A 579 -4.76 31.83 36.20
CA GLU A 579 -4.96 32.09 37.61
C GLU A 579 -4.37 30.97 38.45
N LEU A 580 -3.71 31.33 39.55
CA LEU A 580 -3.06 30.35 40.41
C LEU A 580 -4.10 29.58 41.21
N VAL A 581 -4.43 28.37 40.75
CA VAL A 581 -5.37 27.50 41.43
C VAL A 581 -4.66 26.20 41.74
N GLY A 582 -4.76 25.75 42.99
CA GLY A 582 -4.12 24.52 43.39
C GLY A 582 -2.61 24.55 43.31
N GLY A 583 -2.01 25.73 43.36
CA GLY A 583 -0.57 25.85 43.24
C GLY A 583 -0.04 25.82 41.83
N ARG A 584 -0.92 25.83 40.83
CA ARG A 584 -0.50 25.82 39.43
C ARG A 584 -1.18 26.94 38.67
N LYS A 585 -0.48 27.46 37.67
CA LYS A 585 -0.96 28.67 36.98
C LYS A 585 -2.12 28.35 36.04
N VAL A 586 -2.07 27.19 35.40
CA VAL A 586 -3.18 26.76 34.56
C VAL A 586 -3.61 27.76 33.49
N MET A 587 -4.59 27.39 32.69
CA MET A 587 -5.14 28.30 31.69
C MET A 587 -6.53 27.82 31.32
N CYS A 588 -7.55 28.62 31.61
CA CYS A 588 -8.92 28.26 31.34
C CYS A 588 -9.56 29.30 30.44
N ARG A 589 -10.50 28.85 29.61
CA ARG A 589 -11.19 29.71 28.66
C ARG A 589 -12.55 30.13 29.20
N GLN A 590 -13.04 31.27 28.72
CA GLN A 590 -14.22 31.89 29.28
C GLN A 590 -15.46 31.04 29.02
N PHE A 591 -16.53 31.37 29.74
CA PHE A 591 -17.79 30.63 29.66
C PHE A 591 -18.94 31.45 29.09
N ASP A 592 -18.93 32.77 29.21
CA ASP A 592 -20.01 33.60 28.70
C ASP A 592 -19.73 33.91 27.24
N GLU A 593 -20.43 33.21 26.34
CA GLU A 593 -20.23 33.38 24.91
C GLU A 593 -21.54 33.40 24.15
N GLU A 594 -22.61 33.88 24.78
CA GLU A 594 -23.97 33.82 24.24
C GLU A 594 -24.36 32.37 23.96
N LYS A 595 -24.44 31.61 25.05
CA LYS A 595 -24.75 30.20 25.00
C LYS A 595 -26.03 29.94 24.21
N VAL A 596 -25.97 28.97 23.31
CA VAL A 596 -27.07 28.63 22.44
C VAL A 596 -27.60 27.25 22.84
N LYS A 597 -28.83 26.97 22.44
CA LYS A 597 -29.48 25.70 22.75
C LYS A 597 -29.38 24.70 21.61
N ASP A 598 -28.32 24.78 20.81
CA ASP A 598 -28.12 23.88 19.67
C ASP A 598 -26.92 22.98 19.88
N LEU A 599 -26.74 22.51 21.11
CA LEU A 599 -25.63 21.60 21.40
C LEU A 599 -25.97 20.19 20.93
N TYR A 600 -24.91 19.38 20.77
CA TYR A 600 -25.09 18.00 20.37
C TYR A 600 -25.39 17.16 21.60
N SER A 601 -25.34 15.83 21.45
CA SER A 601 -25.57 14.93 22.57
C SER A 601 -24.47 15.11 23.59
N VAL A 602 -24.83 15.69 24.75
CA VAL A 602 -23.84 15.89 25.81
C VAL A 602 -23.33 14.54 26.28
N PRO A 603 -22.03 14.36 26.47
CA PRO A 603 -21.50 13.04 26.78
C PRO A 603 -21.90 12.59 28.18
N VAL A 604 -23.13 12.11 28.29
CA VAL A 604 -23.69 11.78 29.60
C VAL A 604 -22.93 10.63 30.23
N LYS A 605 -22.57 9.62 29.44
CA LYS A 605 -21.79 8.50 29.99
C LYS A 605 -20.42 8.96 30.46
N ALA A 606 -19.78 9.84 29.69
CA ALA A 606 -18.51 10.40 30.11
C ALA A 606 -18.65 11.21 31.39
N LEU A 607 -19.71 12.01 31.49
CA LEU A 607 -19.94 12.77 32.70
C LEU A 607 -20.22 11.86 33.88
N ARG A 608 -20.78 10.67 33.62
CA ARG A 608 -20.96 9.70 34.69
C ARG A 608 -19.62 9.15 35.15
N GLU A 609 -18.78 8.73 34.21
CA GLU A 609 -17.56 8.02 34.60
C GLU A 609 -16.49 8.94 35.13
N LEU A 610 -16.41 10.18 34.64
CA LEU A 610 -15.40 11.09 35.15
C LEU A 610 -15.74 11.61 36.54
N GLY A 611 -17.02 11.60 36.90
CA GLY A 611 -17.44 12.22 38.14
C GLY A 611 -17.63 13.71 38.06
N LEU A 612 -17.67 14.27 36.86
CA LEU A 612 -17.80 15.71 36.66
C LEU A 612 -19.24 16.16 36.53
N ASP A 613 -20.21 15.24 36.65
CA ASP A 613 -21.61 15.62 36.53
C ASP A 613 -22.02 16.60 37.63
N HIS A 614 -21.48 16.44 38.84
CA HIS A 614 -21.83 17.31 39.95
C HIS A 614 -21.57 18.77 39.60
N PHE A 615 -20.47 19.06 38.91
CA PHE A 615 -20.17 20.43 38.53
C PHE A 615 -21.21 20.99 37.58
N PHE A 616 -21.63 20.19 36.59
CA PHE A 616 -22.65 20.65 35.66
C PHE A 616 -24.06 20.36 36.14
N GLY A 617 -24.21 19.60 37.23
CA GLY A 617 -25.49 19.45 37.88
C GLY A 617 -26.56 18.74 37.08
N LEU A 618 -26.18 17.82 36.22
CA LEU A 618 -27.18 16.95 35.61
C LEU A 618 -27.58 15.87 36.62
N PRO A 619 -28.86 15.72 36.92
CA PRO A 619 -29.29 14.71 37.89
C PRO A 619 -29.10 13.30 37.34
N GLU A 620 -29.33 12.32 38.22
CA GLU A 620 -29.32 10.93 37.79
C GLU A 620 -30.39 10.68 36.74
N ASP A 621 -31.51 11.38 36.84
CA ASP A 621 -32.60 11.20 35.88
C ASP A 621 -32.24 11.80 34.52
N LEU A 622 -31.75 10.96 33.62
CA LEU A 622 -31.44 11.36 32.25
C LEU A 622 -31.10 10.10 31.47
N ASP A 623 -31.06 10.23 30.14
CA ASP A 623 -30.69 9.12 29.28
C ASP A 623 -29.55 9.51 28.35
N GLN A 624 -29.21 8.63 27.41
CA GLN A 624 -28.03 8.81 26.57
C GLN A 624 -28.33 9.52 25.24
N GLN A 625 -29.58 9.90 24.99
CA GLN A 625 -29.93 10.56 23.74
C GLN A 625 -30.77 11.82 23.88
N ASN A 626 -31.48 12.01 24.99
CA ASN A 626 -32.37 13.15 25.13
C ASN A 626 -31.54 14.38 25.53
N VAL A 627 -31.59 15.42 24.71
CA VAL A 627 -30.80 16.62 24.93
C VAL A 627 -31.65 17.83 25.28
N GLU A 628 -32.91 17.88 24.83
CA GLU A 628 -33.75 19.02 25.15
C GLU A 628 -33.97 19.13 26.66
N ALA A 629 -34.25 17.99 27.31
CA ALA A 629 -34.33 17.99 28.77
C ALA A 629 -32.98 18.32 29.38
N ALA A 630 -31.90 17.77 28.83
CA ALA A 630 -30.57 18.11 29.32
C ALA A 630 -30.26 19.58 29.11
N THR A 631 -30.65 20.13 27.96
CA THR A 631 -30.43 21.55 27.70
C THR A 631 -31.21 22.41 28.68
N PHE A 632 -32.47 22.05 28.95
CA PHE A 632 -33.27 22.80 29.91
C PHE A 632 -32.65 22.72 31.29
N TYR A 633 -32.16 21.55 31.69
CA TYR A 633 -31.55 21.39 33.00
C TYR A 633 -30.27 22.22 33.11
N ILE A 634 -29.46 22.23 32.05
CA ILE A 634 -28.23 23.04 32.06
C ILE A 634 -28.58 24.53 32.14
N GLU A 635 -29.60 24.96 31.39
CA GLU A 635 -30.01 26.36 31.44
C GLU A 635 -30.53 26.72 32.83
N ASN A 636 -31.31 25.83 33.45
CA ASN A 636 -31.79 26.09 34.80
C ASN A 636 -30.66 26.10 35.81
N HIS A 637 -29.62 25.30 35.58
CA HIS A 637 -28.45 25.35 36.46
C HIS A 637 -27.70 26.66 36.27
N ILE A 638 -27.67 27.18 35.04
CA ILE A 638 -27.07 28.49 34.80
C ILE A 638 -27.89 29.58 35.47
N HIS A 639 -29.21 29.42 35.51
CA HIS A 639 -30.06 30.43 36.09
C HIS A 639 -30.00 30.41 37.62
N HIS A 640 -30.46 29.30 38.22
CA HIS A 640 -30.54 29.22 39.68
C HIS A 640 -29.16 29.29 40.31
N ASN A 641 -28.25 28.43 39.89
CA ASN A 641 -26.86 28.49 40.31
C ASN A 641 -26.15 29.54 39.47
N LYS A 642 -25.22 30.27 40.09
CA LYS A 642 -24.46 31.26 39.34
C LYS A 642 -23.62 30.61 38.26
N LEU A 643 -22.99 29.47 38.57
CA LEU A 643 -22.07 28.77 37.66
C LEU A 643 -21.07 29.74 37.05
N THR A 644 -20.40 30.47 37.93
CA THR A 644 -19.45 31.48 37.50
C THR A 644 -18.22 30.81 36.90
N ARG A 645 -17.23 31.63 36.56
CA ARG A 645 -15.98 31.09 36.03
C ARG A 645 -15.30 30.16 37.02
N LYS A 646 -15.65 30.25 38.31
CA LYS A 646 -15.07 29.35 39.30
C LYS A 646 -15.50 27.92 39.07
N SER A 647 -16.77 27.70 38.73
CA SER A 647 -17.24 26.35 38.45
C SER A 647 -16.58 25.77 37.22
N PHE A 648 -16.44 26.57 36.16
CA PHE A 648 -15.72 26.12 34.98
C PHE A 648 -14.25 25.83 35.29
N LEU A 649 -13.64 26.66 36.13
CA LEU A 649 -12.25 26.44 36.51
C LEU A 649 -12.11 25.12 37.23
N SER A 650 -13.01 24.84 38.17
CA SER A 650 -12.98 23.59 38.90
C SER A 650 -13.21 22.41 37.97
N PHE A 651 -14.13 22.56 37.02
CA PHE A 651 -14.41 21.49 36.07
C PHE A 651 -13.17 21.17 35.23
N ARG A 652 -12.51 22.19 34.70
CA ARG A 652 -11.31 21.97 33.91
C ARG A 652 -10.21 21.35 34.74
N CYS A 653 -10.01 21.85 35.96
CA CYS A 653 -8.95 21.32 36.80
C CYS A 653 -9.21 19.86 37.13
N LYS A 654 -10.47 19.51 37.42
CA LYS A 654 -10.79 18.12 37.74
C LYS A 654 -10.61 17.23 36.53
N LEU A 655 -10.92 17.73 35.33
CA LEU A 655 -10.78 16.85 34.16
C LEU A 655 -9.32 16.64 33.80
N TRP A 656 -8.49 17.69 33.92
CA TRP A 656 -7.05 17.52 33.75
C TRP A 656 -6.46 16.59 34.81
N ASP A 657 -6.90 16.74 36.06
CA ASP A 657 -6.43 15.85 37.11
C ASP A 657 -6.80 14.40 36.81
N TYR A 658 -8.02 14.18 36.30
CA TYR A 658 -8.43 12.84 35.93
C TYR A 658 -7.54 12.28 34.83
N ILE A 659 -7.31 13.07 33.77
CA ILE A 659 -6.55 12.54 32.65
C ILE A 659 -5.10 12.27 33.04
N HIS A 660 -4.56 13.02 34.01
CA HIS A 660 -3.16 12.80 34.37
C HIS A 660 -2.97 11.83 35.52
N GLU A 661 -4.02 11.46 36.25
CA GLU A 661 -3.84 10.56 37.39
C GLU A 661 -4.63 9.26 37.27
N LYS A 662 -5.48 9.14 36.25
CA LYS A 662 -6.24 7.92 36.04
C LYS A 662 -5.97 7.24 34.71
N ILE A 663 -5.21 7.85 33.81
CA ILE A 663 -4.96 7.29 32.49
C ILE A 663 -3.47 7.04 32.29
N LEU A 664 -2.67 8.10 32.38
CA LEU A 664 -1.25 7.97 32.06
C LEU A 664 -0.50 7.01 32.97
N PRO A 665 -0.67 7.02 34.30
CA PRO A 665 0.00 5.98 35.10
C PRO A 665 -0.36 4.57 34.68
N GLU A 666 -1.62 4.33 34.36
CA GLU A 666 -2.02 2.99 33.93
C GLU A 666 -1.37 2.62 32.62
N PHE A 667 -1.37 3.54 31.66
CA PHE A 667 -0.76 3.25 30.36
C PHE A 667 0.72 2.93 30.52
N SER A 668 1.43 3.72 31.33
CA SER A 668 2.84 3.45 31.57
C SER A 668 3.03 2.09 32.23
N VAL A 669 2.21 1.75 33.23
CA VAL A 669 2.47 0.54 34.00
C VAL A 669 2.20 -0.70 33.15
N ILE A 670 1.25 -0.61 32.21
CA ILE A 670 1.01 -1.79 31.39
C ILE A 670 2.00 -1.84 30.22
N ARG A 671 2.42 -0.68 29.72
CA ARG A 671 3.43 -0.65 28.67
C ARG A 671 4.76 -1.21 29.16
N ASN A 672 5.14 -0.92 30.40
CA ASN A 672 6.39 -1.40 30.95
C ASN A 672 6.27 -2.79 31.55
N GLY A 673 5.14 -3.48 31.38
CA GLY A 673 4.91 -4.76 32.01
C GLY A 673 5.43 -5.97 31.27
N ARG A 674 5.98 -5.77 30.06
CA ARG A 674 6.60 -6.84 29.27
C ARG A 674 5.61 -7.95 28.96
N HIS A 675 4.40 -7.57 28.53
CA HIS A 675 3.37 -8.55 28.21
C HIS A 675 3.47 -9.03 26.77
N PHE A 676 3.70 -8.13 25.81
CA PHE A 676 3.72 -8.51 24.38
C PHE A 676 5.04 -9.07 23.89
N GLN A 677 5.70 -9.87 24.71
CA GLN A 677 6.98 -10.47 24.36
C GLN A 677 6.84 -11.64 23.40
N PHE A 678 5.63 -12.18 23.23
CA PHE A 678 5.34 -13.22 22.25
C PHE A 678 6.25 -14.44 22.42
N ASN A 679 6.43 -14.85 23.67
CA ASN A 679 7.18 -16.06 23.98
C ASN A 679 6.21 -17.23 24.03
N LYS A 680 6.50 -18.26 23.24
CA LYS A 680 5.69 -19.49 23.27
C LYS A 680 4.18 -19.36 23.08
N GLN A 681 3.70 -18.18 22.76
CA GLN A 681 2.26 -17.99 22.63
C GLN A 681 2.02 -16.62 22.01
N PHE A 682 1.20 -16.54 20.96
CA PHE A 682 0.91 -15.24 20.36
C PHE A 682 -0.32 -14.61 21.00
N CYS A 683 -0.12 -13.47 21.65
CA CYS A 683 -1.18 -12.82 22.39
C CYS A 683 -2.10 -12.08 21.42
N SER A 684 -3.41 -12.33 21.54
CA SER A 684 -4.39 -11.66 20.70
C SER A 684 -4.62 -10.22 21.11
N GLU A 685 -4.12 -9.80 22.27
CA GLU A 685 -4.30 -8.43 22.73
C GLU A 685 -3.33 -7.46 22.08
N ALA A 686 -2.42 -7.94 21.24
CA ALA A 686 -1.53 -7.04 20.51
C ALA A 686 -2.33 -6.07 19.66
N TYR A 687 -3.42 -6.52 19.06
CA TYR A 687 -4.23 -5.65 18.20
C TYR A 687 -4.94 -4.57 19.01
N SER A 688 -5.50 -4.94 20.18
CA SER A 688 -6.12 -3.95 21.03
C SER A 688 -5.09 -2.94 21.53
N TRP A 689 -3.89 -3.40 21.85
CA TRP A 689 -2.81 -2.47 22.19
C TRP A 689 -2.49 -1.54 21.02
N MET A 690 -2.48 -2.08 19.80
CA MET A 690 -2.22 -1.25 18.64
C MET A 690 -3.24 -0.14 18.52
N PHE A 691 -4.52 -0.46 18.78
CA PHE A 691 -5.55 0.58 18.77
C PHE A 691 -5.33 1.58 19.89
N LEU A 692 -4.97 1.11 21.08
CA LEU A 692 -4.86 2.01 22.22
C LEU A 692 -3.67 2.95 22.09
N ILE A 693 -2.61 2.53 21.40
CA ILE A 693 -1.48 3.43 21.20
C ILE A 693 -1.89 4.60 20.31
N HIS A 694 -2.66 4.32 19.26
CA HIS A 694 -3.20 5.39 18.42
C HIS A 694 -4.11 6.31 19.22
N SER A 695 -4.96 5.72 20.07
CA SER A 695 -5.83 6.54 20.91
C SER A 695 -5.01 7.43 21.83
N MET A 696 -3.93 6.89 22.39
CA MET A 696 -3.04 7.68 23.24
C MET A 696 -2.39 8.81 22.47
N ILE A 697 -1.98 8.54 21.23
CA ILE A 697 -1.40 9.59 20.41
C ILE A 697 -2.41 10.71 20.21
N ARG A 698 -3.67 10.34 19.92
CA ARG A 698 -4.71 11.34 19.73
C ARG A 698 -4.92 12.18 20.99
N LEU A 699 -4.99 11.50 22.14
CA LEU A 699 -5.21 12.21 23.41
C LEU A 699 -4.06 13.15 23.73
N LYS A 700 -2.82 12.69 23.56
CA LYS A 700 -1.67 13.54 23.83
C LYS A 700 -1.61 14.69 22.86
N LYS A 701 -2.06 14.49 21.62
CA LYS A 701 -2.18 15.61 20.69
C LYS A 701 -3.18 16.64 21.19
N SER A 702 -4.32 16.17 21.74
CA SER A 702 -5.27 17.10 22.33
C SER A 702 -4.66 17.83 23.52
N LEU A 703 -3.90 17.13 24.35
CA LEU A 703 -3.21 17.77 25.48
C LEU A 703 -2.13 18.74 25.04
N SER A 704 -1.70 18.68 23.78
CA SER A 704 -0.58 19.48 23.31
C SER A 704 -1.02 20.72 22.53
N TYR A 705 -1.84 20.54 21.51
CA TYR A 705 -2.24 21.63 20.63
C TYR A 705 -3.42 22.43 21.17
N SER A 706 -4.04 21.99 22.26
CA SER A 706 -5.19 22.72 22.80
C SER A 706 -4.77 24.09 23.28
N HIS A 707 -5.73 25.01 23.29
CA HIS A 707 -5.54 26.36 23.82
C HIS A 707 -4.43 27.10 23.09
N SER A 708 -4.32 26.88 21.78
CA SER A 708 -3.28 27.52 20.99
C SER A 708 -3.87 28.10 19.72
N GLU A 709 -3.26 29.18 19.25
CA GLU A 709 -3.64 29.74 17.97
C GLU A 709 -3.23 28.78 16.85
N PRO A 710 -3.99 28.71 15.76
CA PRO A 710 -3.64 27.79 14.68
C PRO A 710 -2.39 28.23 13.93
N LEU A 711 -1.78 27.28 13.24
CA LEU A 711 -0.63 27.59 12.41
C LEU A 711 -1.03 28.46 11.23
N LYS A 712 -0.11 29.30 10.78
CA LYS A 712 -0.40 30.30 9.76
C LYS A 712 0.70 30.35 8.72
N LYS A 713 0.31 30.41 7.45
CA LYS A 713 1.21 30.69 6.33
C LYS A 713 2.38 29.72 6.27
N GLY A 714 2.10 28.44 6.51
CA GLY A 714 3.14 27.42 6.40
C GLY A 714 4.25 27.55 7.42
N GLU A 715 3.95 27.99 8.63
CA GLU A 715 4.94 27.97 9.69
C GLU A 715 5.24 26.53 10.10
N PRO A 716 6.44 26.25 10.60
CA PRO A 716 6.78 24.88 10.97
C PRO A 716 5.92 24.38 12.12
N ALA A 717 5.72 23.06 12.15
CA ALA A 717 4.89 22.45 13.18
C ALA A 717 5.52 22.64 14.55
N THR A 718 4.67 22.97 15.53
CA THR A 718 5.17 23.22 16.88
C THR A 718 5.72 21.96 17.52
N PHE A 719 5.04 20.82 17.33
CA PHE A 719 5.41 19.58 17.97
C PHE A 719 5.54 18.46 16.95
N VAL A 720 6.27 17.41 17.34
CA VAL A 720 6.63 16.32 16.45
C VAL A 720 5.96 15.01 16.85
N PHE A 721 5.85 14.74 18.16
CA PHE A 721 5.30 13.49 18.66
C PHE A 721 6.10 12.29 18.17
N LYS A 722 7.38 12.26 18.57
CA LYS A 722 8.30 11.27 18.04
C LYS A 722 8.19 9.94 18.77
N ASN A 723 8.25 9.97 20.11
CA ASN A 723 8.34 8.72 20.87
C ASN A 723 7.13 7.85 20.64
N LEU A 724 5.93 8.42 20.76
CA LEU A 724 4.72 7.63 20.67
C LEU A 724 4.50 7.11 19.25
N GLN A 725 4.79 7.94 18.25
CA GLN A 725 4.63 7.50 16.86
C GLN A 725 5.58 6.37 16.53
N ASN A 726 6.84 6.50 16.93
CA ASN A 726 7.80 5.42 16.68
C ASN A 726 7.39 4.17 17.42
N TYR A 727 6.89 4.32 18.65
CA TYR A 727 6.38 3.17 19.39
C TYR A 727 5.29 2.45 18.62
N PHE A 728 4.31 3.21 18.13
CA PHE A 728 3.19 2.61 17.41
C PHE A 728 3.67 1.90 16.15
N ASN A 729 4.53 2.55 15.38
CA ASN A 729 5.00 1.97 14.13
C ASN A 729 5.76 0.68 14.40
N ASN A 730 6.66 0.70 15.37
CA ASN A 730 7.49 -0.47 15.63
C ASN A 730 6.66 -1.60 16.21
N PHE A 731 5.66 -1.29 17.03
CA PHE A 731 4.77 -2.31 17.53
C PHE A 731 3.98 -2.97 16.41
N SER A 732 3.46 -2.16 15.49
CA SER A 732 2.72 -2.72 14.37
C SER A 732 3.61 -3.61 13.51
N LYS A 733 4.83 -3.16 13.24
CA LYS A 733 5.74 -3.97 12.43
C LYS A 733 6.06 -5.29 13.14
N ASN A 734 6.28 -5.24 14.45
CA ASN A 734 6.59 -6.46 15.18
C ASN A 734 5.43 -7.45 15.17
N VAL A 735 4.20 -6.95 15.36
CA VAL A 735 3.07 -7.88 15.41
C VAL A 735 2.81 -8.47 14.03
N LEU A 736 2.94 -7.67 12.98
CA LEU A 736 2.79 -8.20 11.63
C LEU A 736 3.84 -9.27 11.35
N LYS A 737 5.09 -9.02 11.73
CA LYS A 737 6.14 -9.99 11.51
C LYS A 737 5.87 -11.28 12.27
N THR A 738 5.42 -11.17 13.52
CA THR A 738 5.17 -12.38 14.30
C THR A 738 4.03 -13.20 13.74
N VAL A 739 2.96 -12.54 13.28
CA VAL A 739 1.86 -13.28 12.65
C VAL A 739 2.35 -13.96 11.38
N ALA A 740 3.17 -13.27 10.60
CA ALA A 740 3.70 -13.87 9.38
C ALA A 740 4.57 -15.08 9.68
N ALA A 741 5.39 -14.99 10.72
CA ALA A 741 6.24 -16.13 11.10
C ALA A 741 5.39 -17.30 11.56
N LYS A 742 4.32 -17.03 12.31
CA LYS A 742 3.43 -18.10 12.73
C LYS A 742 2.80 -18.79 11.53
N LEU A 743 2.33 -18.00 10.56
CA LEU A 743 1.72 -18.59 9.37
C LEU A 743 2.73 -19.42 8.58
N ARG A 744 3.95 -18.91 8.46
CA ARG A 744 4.98 -19.63 7.71
C ARG A 744 5.33 -20.95 8.38
N ASP A 745 5.50 -20.92 9.70
CA ASP A 745 5.83 -22.16 10.38
C ASP A 745 4.67 -23.15 10.26
N TYR A 746 3.43 -22.65 10.38
CA TYR A 746 2.28 -23.54 10.24
C TYR A 746 2.25 -24.20 8.87
N CYS A 747 2.46 -23.41 7.81
CA CYS A 747 2.44 -23.98 6.47
C CYS A 747 3.57 -24.98 6.28
N THR A 748 4.77 -24.66 6.78
CA THR A 748 5.93 -25.53 6.57
C THR A 748 5.90 -26.77 7.45
N THR A 749 5.23 -26.72 8.59
CA THR A 749 5.11 -27.87 9.47
C THR A 749 3.96 -28.78 9.09
N HIS A 750 3.17 -28.41 8.08
CA HIS A 750 2.03 -29.21 7.66
C HIS A 750 2.07 -29.51 6.16
N ASN A 751 3.22 -29.32 5.53
CA ASN A 751 3.46 -29.66 4.12
C ASN A 751 2.41 -29.01 3.22
N VAL A 752 2.48 -27.69 3.16
CA VAL A 752 1.60 -26.88 2.33
C VAL A 752 2.41 -26.30 1.17
N SER A 753 1.84 -26.32 -0.02
CA SER A 753 2.45 -25.72 -1.19
C SER A 753 1.71 -24.50 -1.74
N LEU A 754 0.48 -24.26 -1.32
CA LEU A 754 -0.32 -23.14 -1.81
C LEU A 754 -1.11 -22.53 -0.67
N CYS A 755 -1.11 -21.20 -0.60
CA CYS A 755 -1.92 -20.46 0.35
C CYS A 755 -2.83 -19.51 -0.39
N VAL A 756 -4.10 -19.47 0.02
CA VAL A 756 -5.12 -18.69 -0.67
C VAL A 756 -5.67 -17.64 0.27
N VAL A 757 -5.62 -16.39 -0.17
CA VAL A 757 -6.01 -15.24 0.62
C VAL A 757 -7.17 -14.53 -0.06
N GLU A 758 -7.77 -13.60 0.67
CA GLU A 758 -8.96 -12.91 0.22
C GLU A 758 -8.63 -11.48 -0.19
N ASP A 759 -9.21 -11.04 -1.29
CA ASP A 759 -9.16 -9.64 -1.72
C ASP A 759 -10.46 -8.97 -1.28
N LEU A 760 -10.34 -7.95 -0.43
CA LEU A 760 -11.52 -7.34 0.18
C LEU A 760 -11.51 -5.82 0.11
N GLU A 761 -10.85 -5.24 -0.90
CA GLU A 761 -10.84 -3.79 -1.03
C GLU A 761 -12.24 -3.26 -1.34
N LYS A 762 -13.00 -3.96 -2.18
CA LYS A 762 -14.35 -3.53 -2.51
C LYS A 762 -15.26 -3.56 -1.30
N PHE A 763 -15.17 -4.62 -0.50
CA PHE A 763 -16.00 -4.76 0.69
C PHE A 763 -15.23 -5.56 1.74
N ARG A 764 -15.20 -5.05 2.96
CA ARG A 764 -14.48 -5.68 4.06
C ARG A 764 -15.50 -6.28 5.03
N THR A 765 -15.37 -7.58 5.29
CA THR A 765 -16.30 -8.28 6.17
C THR A 765 -15.55 -9.05 7.26
N SER A 766 -14.38 -9.60 6.91
CA SER A 766 -13.63 -10.40 7.87
C SER A 766 -13.06 -9.55 9.00
N SER A 767 -12.82 -8.27 8.74
CA SER A 767 -12.33 -7.35 9.77
C SER A 767 -13.51 -6.90 10.63
N LEU A 768 -13.29 -5.88 11.45
CA LEU A 768 -14.37 -5.35 12.29
C LEU A 768 -15.46 -4.76 11.41
N ASN A 769 -16.69 -4.79 11.94
CA ASN A 769 -17.86 -4.29 11.22
C ASN A 769 -18.32 -2.94 11.76
N SER A 770 -17.40 -2.14 12.30
CA SER A 770 -17.75 -0.83 12.81
C SER A 770 -18.16 0.10 11.67
N LYS A 771 -19.23 0.86 11.90
CA LYS A 771 -19.70 1.80 10.88
C LYS A 771 -18.67 2.89 10.62
N ASP A 772 -18.06 3.43 11.67
CA ASP A 772 -17.05 4.46 11.52
C ASP A 772 -15.78 3.88 10.90
N LYS A 773 -15.19 4.64 9.98
CA LYS A 773 -13.96 4.25 9.31
C LYS A 773 -12.70 4.64 10.09
N ASN A 774 -12.86 5.32 11.22
CA ASN A 774 -11.70 5.75 12.00
C ASN A 774 -10.97 4.58 12.65
N ARG A 775 -11.64 3.45 12.87
CA ARG A 775 -11.06 2.30 13.53
C ARG A 775 -10.63 1.21 12.57
N LEU A 776 -10.59 1.50 11.27
CA LEU A 776 -10.20 0.51 10.28
C LEU A 776 -9.32 1.16 9.22
N LEU A 777 -8.46 0.34 8.62
CA LEU A 777 -7.58 0.73 7.52
C LEU A 777 -6.61 1.84 7.91
N SER A 778 -6.40 2.03 9.20
CA SER A 778 -5.45 3.01 9.71
C SER A 778 -4.44 2.39 10.67
N ILE A 779 -4.85 1.43 11.48
CA ILE A 779 -3.96 0.73 12.39
C ILE A 779 -3.45 -0.58 11.77
N TRP A 780 -4.34 -1.33 11.13
CA TRP A 780 -4.02 -2.64 10.58
C TRP A 780 -4.27 -2.62 9.08
N SER A 781 -3.21 -2.83 8.31
CA SER A 781 -3.29 -2.78 6.86
C SER A 781 -3.41 -4.20 6.30
N HIS A 782 -4.48 -4.45 5.55
CA HIS A 782 -4.61 -5.71 4.85
C HIS A 782 -3.52 -5.90 3.81
N ARG A 783 -3.22 -4.82 3.07
CA ARG A 783 -2.25 -4.92 1.98
C ARG A 783 -0.87 -5.29 2.50
N ASN A 784 -0.48 -4.72 3.65
CA ASN A 784 0.81 -5.05 4.23
C ASN A 784 0.83 -6.49 4.75
N VAL A 785 -0.31 -6.97 5.27
CA VAL A 785 -0.39 -8.37 5.67
C VAL A 785 -0.13 -9.29 4.49
N VAL A 786 -0.78 -8.99 3.36
CA VAL A 786 -0.60 -9.82 2.16
C VAL A 786 0.85 -9.73 1.67
N GLN A 787 1.42 -8.52 1.68
CA GLN A 787 2.79 -8.36 1.22
C GLN A 787 3.77 -9.13 2.10
N ARG A 788 3.59 -9.07 3.41
CA ARG A 788 4.47 -9.81 4.31
C ARG A 788 4.30 -11.31 4.12
N PHE A 789 3.08 -11.77 3.87
CA PHE A 789 2.89 -13.20 3.60
C PHE A 789 3.64 -13.61 2.35
N GLU A 790 3.54 -12.81 1.28
CA GLU A 790 4.32 -13.10 0.08
C GLU A 790 5.81 -13.14 0.39
N GLU A 791 6.30 -12.16 1.14
CA GLU A 791 7.73 -12.07 1.40
C GLU A 791 8.23 -13.25 2.20
N VAL A 792 7.49 -13.66 3.23
CA VAL A 792 7.98 -14.73 4.10
C VAL A 792 7.69 -16.11 3.53
N LEU A 793 6.79 -16.24 2.56
CA LEU A 793 6.51 -17.54 1.98
C LEU A 793 7.27 -17.82 0.70
N THR A 794 7.60 -16.78 -0.07
CA THR A 794 8.46 -16.98 -1.23
C THR A 794 9.84 -17.47 -0.83
N GLU A 795 10.27 -17.18 0.40
CA GLU A 795 11.56 -17.64 0.87
C GLU A 795 11.64 -19.17 0.92
N VAL A 796 10.59 -19.82 1.42
CA VAL A 796 10.61 -21.27 1.56
C VAL A 796 10.17 -21.98 0.28
N GLY A 797 9.32 -21.36 -0.52
CA GLY A 797 8.91 -21.95 -1.78
C GLY A 797 7.43 -22.23 -1.85
N ILE A 798 6.63 -21.47 -1.08
CA ILE A 798 5.19 -21.63 -1.04
C ILE A 798 4.56 -20.36 -1.59
N THR A 799 3.68 -20.52 -2.57
CA THR A 799 3.09 -19.38 -3.25
C THR A 799 1.70 -19.07 -2.70
N ILE A 800 1.34 -17.80 -2.72
CA ILE A 800 0.03 -17.35 -2.28
C ILE A 800 -0.70 -16.72 -3.46
N VAL A 801 -2.01 -16.91 -3.50
CA VAL A 801 -2.87 -16.40 -4.55
C VAL A 801 -4.11 -15.80 -3.91
N SER A 802 -4.60 -14.71 -4.49
CA SER A 802 -5.72 -13.96 -3.93
C SER A 802 -6.98 -14.18 -4.74
N ASN A 803 -8.10 -14.34 -4.06
CA ASN A 803 -9.38 -14.55 -4.72
C ASN A 803 -10.46 -13.67 -4.10
N ASP A 804 -11.53 -13.48 -4.86
CA ASP A 804 -12.67 -12.72 -4.39
C ASP A 804 -13.35 -13.46 -3.25
N ALA A 805 -13.69 -12.72 -2.19
CA ALA A 805 -14.29 -13.31 -1.00
C ALA A 805 -15.47 -12.47 -0.53
N ARG A 806 -16.25 -11.95 -1.47
CA ARG A 806 -17.43 -11.18 -1.11
C ARG A 806 -18.43 -12.09 -0.41
N HIS A 807 -18.98 -11.60 0.71
CA HIS A 807 -19.89 -12.38 1.55
C HIS A 807 -19.26 -13.71 1.94
N SER A 808 -18.00 -13.67 2.36
CA SER A 808 -17.31 -14.90 2.76
C SER A 808 -17.94 -15.49 4.02
N SER A 809 -18.20 -14.66 5.03
CA SER A 809 -18.70 -15.13 6.31
C SER A 809 -20.22 -15.10 6.40
N GLN A 810 -20.91 -15.00 5.26
CA GLN A 810 -22.36 -14.90 5.25
C GLN A 810 -23.02 -16.07 4.54
N LEU A 811 -22.25 -17.12 4.24
CA LEU A 811 -22.73 -18.23 3.45
C LEU A 811 -22.47 -19.54 4.19
N ASP A 812 -23.29 -20.54 3.88
CA ASP A 812 -23.12 -21.86 4.45
C ASP A 812 -21.96 -22.58 3.79
N PRO A 813 -21.00 -23.11 4.55
CA PRO A 813 -19.90 -23.86 3.93
C PRO A 813 -20.36 -25.05 3.12
N VAL A 814 -21.47 -25.69 3.45
CA VAL A 814 -21.87 -26.96 2.85
C VAL A 814 -22.97 -26.77 1.82
N THR A 815 -24.07 -26.11 2.20
CA THR A 815 -25.22 -25.96 1.32
C THR A 815 -25.19 -24.67 0.50
N MET A 816 -24.23 -23.79 0.75
CA MET A 816 -24.11 -22.51 0.06
C MET A 816 -25.35 -21.64 0.27
N ASP A 817 -26.10 -21.90 1.34
CA ASP A 817 -27.22 -21.05 1.71
C ASP A 817 -26.72 -19.83 2.47
N TRP A 818 -27.57 -18.80 2.52
CA TRP A 818 -27.22 -17.58 3.23
C TRP A 818 -27.48 -17.79 4.72
N ALA A 819 -26.41 -17.95 5.50
CA ALA A 819 -26.50 -18.10 6.93
C ALA A 819 -26.49 -16.74 7.61
N TYR A 820 -26.76 -16.73 8.90
CA TYR A 820 -26.95 -15.50 9.66
C TYR A 820 -25.73 -15.23 10.54
N ARG A 821 -25.13 -14.05 10.36
CA ARG A 821 -24.10 -13.56 11.27
C ARG A 821 -24.79 -12.79 12.38
N ASP A 822 -24.84 -13.37 13.58
CA ASP A 822 -25.56 -12.74 14.66
C ASP A 822 -24.82 -11.50 15.16
N GLU A 823 -25.58 -10.49 15.58
CA GLU A 823 -24.99 -9.22 15.99
C GLU A 823 -24.34 -9.30 17.36
N GLN A 824 -24.86 -10.17 18.25
CA GLN A 824 -24.30 -10.26 19.59
C GLN A 824 -22.86 -10.75 19.57
N ASP A 825 -22.57 -11.77 18.78
CA ASP A 825 -21.25 -12.37 18.74
C ASP A 825 -20.83 -12.58 17.29
N LYS A 826 -19.54 -12.39 17.02
CA LYS A 826 -19.00 -12.56 15.68
C LYS A 826 -18.40 -13.94 15.45
N SER A 827 -18.37 -14.80 16.46
CA SER A 827 -17.71 -16.10 16.35
C SER A 827 -18.69 -17.25 16.12
N LYS A 828 -19.95 -16.95 15.82
CA LYS A 828 -20.95 -17.98 15.59
C LYS A 828 -21.76 -17.65 14.34
N LEU A 829 -21.83 -18.62 13.42
CA LEU A 829 -22.66 -18.51 12.24
C LEU A 829 -23.78 -19.53 12.33
N TRP A 830 -25.02 -19.07 12.20
CA TRP A 830 -26.20 -19.90 12.37
C TRP A 830 -26.66 -20.42 11.02
N VAL A 831 -26.70 -21.74 10.88
CA VAL A 831 -26.96 -22.39 9.61
C VAL A 831 -27.98 -23.49 9.81
N LYS A 832 -28.91 -23.62 8.85
CA LYS A 832 -29.83 -24.73 8.80
C LYS A 832 -29.44 -25.67 7.67
N ARG A 833 -29.58 -26.97 7.91
CA ARG A 833 -29.34 -27.97 6.89
C ARG A 833 -30.46 -29.00 6.85
N ASP A 834 -31.15 -29.18 7.97
CA ASP A 834 -32.22 -30.17 8.07
C ASP A 834 -33.41 -29.64 8.85
N GLY A 835 -33.67 -28.33 8.77
CA GLY A 835 -34.75 -27.72 9.50
C GLY A 835 -34.39 -27.24 10.89
N GLU A 836 -33.19 -27.54 11.37
CA GLU A 836 -32.71 -27.08 12.67
C GLU A 836 -31.48 -26.22 12.46
N ILE A 837 -31.28 -25.26 13.35
CA ILE A 837 -30.18 -24.31 13.25
C ILE A 837 -29.05 -24.74 14.19
N PHE A 838 -27.82 -24.71 13.68
CA PHE A 838 -26.63 -24.92 14.48
C PHE A 838 -25.66 -23.77 14.27
N HIS A 839 -24.78 -23.58 15.25
CA HIS A 839 -23.75 -22.55 15.17
C HIS A 839 -22.42 -23.19 14.79
N ILE A 840 -21.72 -22.57 13.86
CA ILE A 840 -20.44 -23.05 13.35
C ILE A 840 -19.45 -21.90 13.47
N ASN A 841 -18.17 -22.24 13.59
CA ASN A 841 -17.14 -21.21 13.68
C ASN A 841 -17.18 -20.31 12.46
N ALA A 842 -17.01 -19.01 12.69
CA ALA A 842 -17.22 -18.02 11.64
C ALA A 842 -16.07 -18.01 10.64
N ASP A 843 -14.86 -17.69 11.09
CA ASP A 843 -13.73 -17.58 10.17
C ASP A 843 -13.36 -18.93 9.55
N ILE A 844 -13.47 -20.01 10.32
CA ILE A 844 -13.28 -21.34 9.76
C ILE A 844 -14.24 -21.57 8.61
N SER A 845 -15.51 -21.23 8.83
CA SER A 845 -16.51 -21.37 7.77
C SER A 845 -16.20 -20.48 6.57
N SER A 846 -15.62 -19.31 6.82
CA SER A 846 -15.22 -18.45 5.70
C SER A 846 -14.16 -19.15 4.86
N THR A 847 -13.19 -19.79 5.52
CA THR A 847 -12.20 -20.58 4.79
C THR A 847 -12.87 -21.70 4.00
N GLN A 848 -13.86 -22.36 4.60
CA GLN A 848 -14.55 -23.45 3.92
C GLN A 848 -15.24 -22.96 2.64
N VAL A 849 -15.95 -21.83 2.73
CA VAL A 849 -16.66 -21.33 1.55
C VAL A 849 -15.67 -20.84 0.49
N GLN A 850 -14.55 -20.24 0.91
CA GLN A 850 -13.55 -19.83 -0.06
C GLN A 850 -12.97 -21.03 -0.77
N ALA A 851 -12.75 -22.13 -0.04
CA ALA A 851 -12.26 -23.35 -0.66
C ALA A 851 -13.27 -23.91 -1.66
N LYS A 852 -14.55 -23.90 -1.28
CA LYS A 852 -15.58 -24.38 -2.20
C LYS A 852 -15.60 -23.53 -3.47
N ARG A 853 -15.44 -22.22 -3.34
CA ARG A 853 -15.41 -21.37 -4.51
C ARG A 853 -14.15 -21.63 -5.34
N PHE A 854 -13.05 -21.94 -4.69
CA PHE A 854 -11.78 -22.12 -5.40
C PHE A 854 -11.77 -23.40 -6.22
N PHE A 855 -12.04 -24.54 -5.58
CA PHE A 855 -11.85 -25.81 -6.28
C PHE A 855 -12.84 -25.97 -7.42
N SER A 856 -14.04 -25.44 -7.29
CA SER A 856 -15.03 -25.47 -8.36
C SER A 856 -14.92 -24.28 -9.30
N ARG A 857 -13.90 -23.45 -9.13
CA ARG A 857 -13.70 -22.18 -9.83
C ARG A 857 -15.02 -21.44 -10.03
N TYR A 858 -15.66 -21.13 -8.90
CA TYR A 858 -16.83 -20.25 -8.86
C TYR A 858 -17.96 -20.79 -9.73
N ALA A 859 -18.37 -22.02 -9.42
CA ALA A 859 -19.46 -22.63 -10.16
C ALA A 859 -20.78 -21.92 -9.86
N ASP A 860 -21.05 -21.63 -8.60
CA ASP A 860 -22.32 -21.05 -8.17
C ASP A 860 -22.12 -19.66 -7.59
N ILE A 861 -22.98 -18.73 -7.98
CA ILE A 861 -22.94 -17.34 -7.55
C ILE A 861 -24.23 -17.01 -6.83
N VAL A 862 -24.16 -16.12 -5.85
CA VAL A 862 -25.32 -15.75 -5.06
C VAL A 862 -25.46 -14.25 -4.93
N TYR A 863 -24.90 -13.50 -5.89
CA TYR A 863 -24.93 -12.04 -5.83
C TYR A 863 -24.71 -11.50 -7.23
N MET A 864 -25.68 -10.76 -7.74
CA MET A 864 -25.57 -10.08 -9.02
C MET A 864 -26.08 -8.65 -8.87
N LYS A 865 -25.59 -7.77 -9.73
CA LYS A 865 -25.97 -6.36 -9.74
C LYS A 865 -26.78 -6.10 -11.01
N THR A 866 -28.11 -6.21 -10.90
CA THR A 866 -28.97 -5.90 -12.02
C THR A 866 -29.36 -4.42 -11.99
N LEU A 867 -29.53 -3.85 -13.19
CA LEU A 867 -29.89 -2.46 -13.35
C LEU A 867 -31.32 -2.36 -13.85
N LEU A 868 -32.08 -1.42 -13.31
CA LEU A 868 -33.49 -1.26 -13.65
C LEU A 868 -33.61 -0.46 -14.94
N LYS A 869 -34.33 -1.01 -15.91
CA LYS A 869 -34.48 -0.42 -17.23
C LYS A 869 -35.92 0.02 -17.43
N LYS A 870 -36.10 1.29 -17.83
CA LYS A 870 -37.41 1.84 -18.09
C LYS A 870 -37.39 2.59 -19.41
N ASP A 871 -38.45 2.43 -20.19
CA ASP A 871 -38.60 3.08 -21.48
C ASP A 871 -39.62 4.21 -21.38
N ASP A 872 -39.94 4.81 -22.52
CA ASP A 872 -40.98 5.82 -22.56
C ASP A 872 -42.35 5.25 -22.23
N ASN A 873 -42.53 3.94 -22.37
CA ASN A 873 -43.80 3.28 -22.06
C ASN A 873 -43.93 2.92 -20.59
N GLY A 874 -42.90 3.18 -19.78
CA GLY A 874 -42.95 2.81 -18.38
C GLY A 874 -42.70 1.36 -18.08
N SER A 875 -42.26 0.58 -19.06
CA SER A 875 -42.00 -0.83 -18.84
C SER A 875 -40.73 -1.03 -18.01
N LEU A 876 -40.53 -2.28 -17.58
CA LEU A 876 -39.36 -2.66 -16.80
C LEU A 876 -38.72 -3.89 -17.42
N ARG A 877 -37.41 -3.97 -17.32
CA ARG A 877 -36.70 -5.10 -17.91
C ARG A 877 -35.76 -5.80 -16.93
N LYS A 878 -35.11 -5.05 -16.03
CA LYS A 878 -34.23 -5.61 -15.00
C LYS A 878 -33.09 -6.41 -15.61
N LEU A 879 -32.24 -5.71 -16.35
CA LEU A 879 -31.12 -6.35 -17.03
C LEU A 879 -29.97 -6.59 -16.07
N VAL A 880 -29.32 -7.74 -16.23
CA VAL A 880 -28.17 -8.10 -15.41
C VAL A 880 -26.90 -7.76 -16.18
N VAL A 881 -25.80 -7.67 -15.45
CA VAL A 881 -24.53 -7.24 -16.02
C VAL A 881 -23.81 -8.38 -16.74
N THR A 886 -16.88 -11.67 -15.74
CA THR A 886 -17.06 -12.73 -16.71
C THR A 886 -17.58 -14.01 -16.06
N ARG A 887 -17.27 -14.20 -14.78
CA ARG A 887 -17.78 -15.37 -14.07
C ARG A 887 -19.31 -15.34 -14.01
N ILE A 888 -19.90 -14.16 -13.90
CA ILE A 888 -21.35 -14.06 -13.88
C ILE A 888 -21.93 -14.51 -15.22
N GLN A 889 -21.38 -13.99 -16.32
CA GLN A 889 -21.89 -14.38 -17.64
C GLN A 889 -21.69 -15.87 -17.88
N SER A 890 -20.59 -16.43 -17.37
CA SER A 890 -20.41 -17.87 -17.45
C SER A 890 -21.47 -18.61 -16.64
N TYR A 891 -21.82 -18.08 -15.47
CA TYR A 891 -22.87 -18.70 -14.67
C TYR A 891 -24.19 -18.73 -15.41
N LEU A 892 -24.58 -17.61 -16.02
CA LEU A 892 -25.80 -17.58 -16.79
C LEU A 892 -25.69 -18.60 -17.91
N LEU A 893 -24.60 -18.52 -18.66
CA LEU A 893 -24.42 -19.43 -19.78
C LEU A 893 -24.53 -20.89 -19.35
N ARG A 894 -24.30 -21.16 -18.06
CA ARG A 894 -24.41 -22.52 -17.54
C ARG A 894 -25.82 -22.86 -17.08
N THR A 895 -26.57 -21.92 -16.53
CA THR A 895 -27.90 -22.25 -16.01
C THR A 895 -29.03 -21.88 -16.97
N ILE A 896 -29.08 -20.62 -17.42
CA ILE A 896 -30.12 -20.17 -18.35
C ILE A 896 -29.65 -20.24 -19.79
N ASN A 897 -28.35 -20.37 -20.03
CA ASN A 897 -27.77 -20.53 -21.36
C ASN A 897 -28.07 -19.31 -22.24
N SER A 898 -27.48 -18.19 -21.82
CA SER A 898 -27.61 -16.93 -22.55
C SER A 898 -26.30 -16.15 -22.55
N GLN A 913 -30.01 -11.58 -27.96
CA GLN A 913 -28.72 -10.92 -28.09
C GLN A 913 -28.98 -9.52 -28.64
N GLN A 914 -29.51 -9.47 -29.87
CA GLN A 914 -29.91 -8.19 -30.45
C GLN A 914 -30.91 -7.48 -29.55
N GLU A 915 -31.84 -8.23 -28.97
CA GLU A 915 -32.73 -7.67 -27.97
C GLU A 915 -31.98 -7.18 -26.75
N TYR A 916 -30.85 -7.84 -26.42
CA TYR A 916 -30.05 -7.39 -25.29
C TYR A 916 -29.43 -6.02 -25.58
N ASN A 917 -28.87 -5.84 -26.77
CA ASN A 917 -28.38 -4.50 -27.11
C ASN A 917 -29.52 -3.50 -27.20
N GLN A 918 -30.70 -3.94 -27.65
CA GLN A 918 -31.84 -3.03 -27.70
C GLN A 918 -32.21 -2.53 -26.31
N ILE A 919 -32.21 -3.43 -25.32
CA ILE A 919 -32.47 -3.01 -23.95
C ILE A 919 -31.33 -2.13 -23.44
N VAL A 920 -30.09 -2.46 -23.79
CA VAL A 920 -28.94 -1.68 -23.33
C VAL A 920 -29.03 -0.25 -23.81
N GLY A 921 -29.44 -0.05 -25.06
CA GLY A 921 -29.60 1.29 -25.60
C GLY A 921 -30.63 2.13 -24.86
N LEU A 922 -31.52 1.50 -24.11
CA LEU A 922 -32.52 2.22 -23.34
C LEU A 922 -31.90 2.86 -22.11
N LYS A 923 -32.54 3.92 -21.63
CA LYS A 923 -32.08 4.60 -20.43
C LYS A 923 -32.23 3.71 -19.20
N THR A 924 -31.24 3.74 -18.33
CA THR A 924 -31.24 2.96 -17.11
C THR A 924 -31.71 3.84 -15.95
N SER A 925 -32.81 3.46 -15.31
CA SER A 925 -33.35 4.26 -14.22
C SER A 925 -32.42 4.28 -13.02
N GLY A 926 -31.80 3.13 -12.70
CA GLY A 926 -30.93 3.06 -11.55
C GLY A 926 -30.27 1.70 -11.48
N VAL A 927 -29.42 1.56 -10.47
CA VAL A 927 -28.63 0.34 -10.26
C VAL A 927 -28.98 -0.24 -8.90
N GLU A 928 -29.31 -1.52 -8.87
CA GLU A 928 -29.60 -2.24 -7.64
C GLU A 928 -28.89 -3.59 -7.70
N GLU A 929 -29.23 -4.49 -6.78
CA GLU A 929 -28.63 -5.80 -6.72
C GLU A 929 -29.69 -6.85 -6.42
N ILE A 930 -29.45 -8.07 -6.86
CA ILE A 930 -30.35 -9.20 -6.63
C ILE A 930 -29.58 -10.31 -5.93
N TYR A 931 -30.20 -10.91 -4.92
CA TYR A 931 -29.58 -11.96 -4.12
C TYR A 931 -30.33 -13.27 -4.34
N ARG A 932 -29.59 -14.38 -4.35
CA ARG A 932 -30.18 -15.69 -4.60
C ARG A 932 -30.33 -16.46 -3.30
N HIS A 933 -31.44 -17.19 -3.19
CA HIS A 933 -31.79 -17.97 -2.01
C HIS A 933 -32.27 -19.35 -2.41
N GLY A 934 -31.52 -19.99 -3.30
CA GLY A 934 -31.93 -21.26 -3.86
C GLY A 934 -32.38 -21.12 -5.30
N GLU A 935 -33.68 -21.15 -5.53
CA GLU A 935 -34.25 -21.02 -6.86
C GLU A 935 -34.90 -19.68 -7.11
N SER A 936 -34.69 -18.70 -6.23
CA SER A 936 -35.30 -17.39 -6.35
C SER A 936 -34.24 -16.31 -6.18
N TRP A 937 -34.40 -15.23 -6.93
CA TRP A 937 -33.49 -14.08 -6.86
C TRP A 937 -34.24 -12.92 -6.24
N VAL A 938 -33.80 -12.50 -5.05
CA VAL A 938 -34.55 -11.59 -4.21
C VAL A 938 -33.79 -10.27 -4.09
N ASN A 939 -34.46 -9.30 -3.49
CA ASN A 939 -33.95 -7.94 -3.31
C ASN A 939 -33.34 -7.81 -1.91
N LEU A 940 -32.64 -6.71 -1.68
CA LEU A 940 -31.93 -6.52 -0.41
C LEU A 940 -32.89 -6.50 0.77
N ILE A 941 -34.06 -5.87 0.61
CA ILE A 941 -35.00 -5.79 1.72
C ILE A 941 -35.48 -7.17 2.12
N THR A 942 -35.93 -7.96 1.14
CA THR A 942 -36.43 -9.29 1.46
C THR A 942 -35.28 -10.23 1.85
N HIS A 943 -34.07 -9.98 1.35
CA HIS A 943 -32.93 -10.77 1.78
C HIS A 943 -32.63 -10.54 3.26
N LYS A 944 -32.61 -9.28 3.68
CA LYS A 944 -32.43 -8.97 5.09
C LYS A 944 -33.57 -9.57 5.91
N THR A 945 -34.78 -9.56 5.35
CA THR A 945 -35.91 -10.20 6.02
C THR A 945 -35.65 -11.69 6.22
N LEU A 946 -35.13 -12.36 5.20
CA LEU A 946 -34.87 -13.79 5.32
C LEU A 946 -33.75 -14.08 6.29
N GLN A 947 -32.72 -13.24 6.31
CA GLN A 947 -31.65 -13.42 7.29
C GLN A 947 -32.18 -13.23 8.70
N LYS A 948 -33.03 -12.23 8.91
CA LYS A 948 -33.67 -12.06 10.21
C LYS A 948 -34.52 -13.28 10.55
N GLU A 949 -35.18 -13.85 9.55
CA GLU A 949 -36.00 -15.05 9.78
C GLU A 949 -35.14 -16.21 10.25
N ILE A 950 -34.00 -16.45 9.59
CA ILE A 950 -33.16 -17.57 9.97
C ILE A 950 -32.47 -17.31 11.30
N GLY A 951 -32.26 -16.05 11.66
CA GLY A 951 -31.58 -15.73 12.89
C GLY A 951 -32.46 -15.50 14.10
N ALA A 952 -33.75 -15.32 13.90
CA ALA A 952 -34.66 -15.10 15.02
C ALA A 952 -34.91 -16.38 15.81
N ARG A 953 -34.75 -17.54 15.18
CA ARG A 953 -35.02 -18.81 15.86
C ARG A 953 -34.00 -19.11 16.95
N THR A 954 -32.90 -18.35 17.01
CA THR A 954 -31.91 -18.57 18.06
C THR A 954 -32.49 -18.29 19.44
N ASN A 955 -33.26 -17.20 19.58
CA ASN A 955 -33.84 -16.85 20.87
C ASN A 955 -34.97 -17.79 21.27
N VAL A 956 -35.60 -18.46 20.32
CA VAL A 956 -36.68 -19.39 20.65
C VAL A 956 -36.14 -20.57 21.45
N GLN A 957 -35.01 -21.13 21.03
CA GLN A 957 -34.40 -22.26 21.72
C GLN A 957 -33.63 -21.80 22.96
#